data_9BAV
#
_entry.id   9BAV
#
_cell.length_a   66.229
_cell.length_b   92.870
_cell.length_c   176.478
_cell.angle_alpha   90.00
_cell.angle_beta   90.00
_cell.angle_gamma   90.00
#
_symmetry.space_group_name_H-M   'P 21 21 21'
#
loop_
_entity.id
_entity.type
_entity.pdbx_description
1 polymer 'S1_15B sulfatase'
2 branched 6-O-sulfo-alpha-D-galactopyranose-(1-3)-2-O-sulfo-beta-D-galactopyranose-(1-4)-2,6-di-O-sulfo-alpha-D-galactopyranose
3 non-polymer 6-O-sulfo-beta-D-galactopyranose
4 non-polymer 'CALCIUM ION'
5 non-polymer 'SULFATE ION'
6 non-polymer 'CHLORIDE ION'
7 non-polymer 6-O-sulfo-alpha-D-galactopyranose
8 non-polymer 1,2-ETHANEDIOL
9 water water
#
_entity_poly.entity_id   1
_entity_poly.type   'polypeptide(L)'
_entity_poly.pdbx_seq_one_letter_code
;MGSSHHHHHHSSGLVPRGSHMASKEAQNSAEKPNIVLFYVDDLGWGDLSSYGATEVNTPNIDALAKNGIRFTDAHSSAAT
SSPSRYSLLTGEHAFRKNIRILKGDAPLVISEVQKTLPKMLQTVGYRTGIVGKWHLGLGDGNTPVNWNEKVKPGPLEVGF
DYSFLIPATGDRVPSVFLENHDVVNLEKSDPLFVNYQKKIGQRPTGYENPELLKQGADEQHNKSIINGVSRIGWMQGGES
AEWHDETFNIVTSDKAKQFISESSKQPFFLLFSFHDIHVPRLPNEMFRGKTNMGARGDSIVQMDWTTGQVVEKLRELNLL
DNTLVIFTSDNGAVLTDGYDDEALKRIGTHKQNGPYRGGKYSIYEAGTRIPFIVHYPNRVKPGVSNSLFSQIDLYASIAE
LLGVPLEETEAIDSQNQLSPLFDASKLARKTLVQETPHAKGLRENSWKYIRPTEKDVAWVKAKKNIDPGTSKAPQLFDLD
TDPSELHNLAAKYPDKVKLLEQKLQDIELQSIRLKSLK
;
_entity_poly.pdbx_strand_id   A,B
#
loop_
_chem_comp.id
_chem_comp.type
_chem_comp.name
_chem_comp.formula
A1APB D-saccharide, beta linking 2-O-sulfo-beta-D-galactopyranose 'C6 H12 O9 S'
A1APC D-saccharide, alpha linking 6-O-sulfo-alpha-D-galactopyranose 'C6 H12 O9 S'
A1APD D-saccharide, alpha linking 2,6-di-O-sulfo-alpha-D-galactopyranose 'C6 H12 O12 S2'
CA non-polymer 'CALCIUM ION' 'Ca 2'
CL non-polymer 'CHLORIDE ION' 'Cl -1'
EDO non-polymer 1,2-ETHANEDIOL 'C2 H6 O2'
G6S D-saccharide, beta linking 6-O-sulfo-beta-D-galactopyranose 'C6 H12 O9 S'
SO4 non-polymer 'SULFATE ION' 'O4 S -2'
#
# COMPACT_ATOMS: atom_id res chain seq x y z
N LYS A 32 40.25 -11.92 -1.49
CA LYS A 32 39.66 -10.84 -2.30
C LYS A 32 38.56 -11.29 -3.25
N PRO A 33 37.30 -11.20 -2.81
CA PRO A 33 36.19 -11.62 -3.66
C PRO A 33 35.82 -10.58 -4.71
N ASN A 34 35.23 -11.08 -5.79
CA ASN A 34 34.77 -10.20 -6.82
C ASN A 34 33.53 -9.47 -6.32
N ILE A 35 33.28 -8.27 -6.84
CA ILE A 35 32.11 -7.50 -6.46
C ILE A 35 31.30 -7.17 -7.71
N VAL A 36 30.02 -7.55 -7.71
CA VAL A 36 29.11 -7.26 -8.81
C VAL A 36 27.98 -6.47 -8.18
N LEU A 37 27.83 -5.20 -8.57
CA LEU A 37 26.82 -4.29 -8.03
C LEU A 37 25.69 -4.01 -9.02
N PHE A 38 24.54 -4.66 -8.82
CA PHE A 38 23.37 -4.44 -9.67
C PHE A 38 22.68 -3.20 -9.13
N TYR A 39 22.63 -2.15 -9.92
CA TYR A 39 22.01 -0.87 -9.52
C TYR A 39 20.85 -0.60 -10.47
N VAL A 40 19.63 -0.86 -10.00
CA VAL A 40 18.40 -0.68 -10.79
C VAL A 40 17.91 0.74 -10.69
N ASP A 41 17.38 1.21 -11.80
CA ASP A 41 16.85 2.55 -11.93
C ASP A 41 15.37 2.59 -11.52
N ASP A 42 15.05 3.29 -10.41
CA ASP A 42 13.67 3.48 -9.90
C ASP A 42 12.99 2.19 -9.38
N LEU A 43 13.73 1.19 -8.91
CA LEU A 43 13.09 -0.02 -8.43
C LEU A 43 12.59 0.23 -7.01
N GLY A 44 11.28 0.06 -6.80
CA GLY A 44 10.69 0.32 -5.49
C GLY A 44 10.77 -0.85 -4.54
N TRP A 45 10.62 -0.51 -3.25
CA TRP A 45 10.68 -1.49 -2.17
C TRP A 45 9.86 -2.74 -2.50
N GLY A 46 8.62 -2.54 -2.96
CA GLY A 46 7.71 -3.61 -3.27
C GLY A 46 7.68 -4.14 -4.69
N ASP A 47 8.61 -3.73 -5.57
CA ASP A 47 8.58 -4.20 -6.96
C ASP A 47 9.16 -5.60 -7.18
N LEU A 48 9.67 -6.28 -6.16
CA LEU A 48 10.23 -7.61 -6.31
C LEU A 48 9.32 -8.60 -5.64
N SER A 49 9.20 -9.81 -6.20
CA SER A 49 8.36 -10.80 -5.55
C SER A 49 8.89 -11.16 -4.16
N SER A 50 10.22 -11.15 -3.96
CA SER A 50 10.74 -11.44 -2.60
C SER A 50 10.38 -10.34 -1.63
N TYR A 51 9.87 -9.22 -2.12
CA TYR A 51 9.45 -8.13 -1.27
C TYR A 51 7.94 -8.03 -1.25
N GLY A 52 7.25 -9.12 -1.60
CA GLY A 52 5.80 -9.17 -1.56
C GLY A 52 5.03 -8.94 -2.84
N ALA A 53 5.66 -8.54 -3.95
CA ALA A 53 4.91 -8.34 -5.19
C ALA A 53 4.21 -9.63 -5.64
N THR A 54 2.99 -9.49 -6.13
CA THR A 54 2.22 -10.62 -6.64
C THR A 54 1.87 -10.49 -8.11
N GLU A 55 1.94 -9.30 -8.68
CA GLU A 55 1.63 -9.08 -10.09
C GLU A 55 2.85 -9.23 -10.98
N VAL A 56 4.01 -9.57 -10.43
CA VAL A 56 5.22 -9.74 -11.21
C VAL A 56 6.09 -10.73 -10.44
N ASN A 57 6.78 -11.62 -11.16
CA ASN A 57 7.67 -12.59 -10.54
C ASN A 57 9.10 -12.26 -10.89
N THR A 58 9.95 -12.16 -9.87
CA THR A 58 11.37 -11.89 -10.04
C THR A 58 12.10 -13.11 -9.49
N PRO A 59 12.05 -14.26 -10.20
CA PRO A 59 12.71 -15.48 -9.67
C PRO A 59 14.22 -15.41 -9.51
N ASN A 60 14.94 -14.87 -10.49
CA ASN A 60 16.40 -14.78 -10.38
C ASN A 60 16.80 -13.94 -9.17
N ILE A 61 16.22 -12.74 -9.05
CA ILE A 61 16.56 -11.88 -7.91
C ILE A 61 16.08 -12.51 -6.60
N ASP A 62 14.95 -13.23 -6.65
CA ASP A 62 14.46 -13.87 -5.43
C ASP A 62 15.40 -14.98 -4.97
N ALA A 63 15.99 -15.74 -5.91
CA ALA A 63 16.93 -16.78 -5.47
C ALA A 63 18.14 -16.15 -4.82
N LEU A 64 18.49 -14.92 -5.21
CA LEU A 64 19.61 -14.24 -4.56
C LEU A 64 19.26 -13.89 -3.14
N ALA A 65 18.01 -13.46 -2.91
CA ALA A 65 17.58 -13.10 -1.56
C ALA A 65 17.49 -14.34 -0.68
N LYS A 66 16.96 -15.44 -1.22
CA LYS A 66 16.83 -16.69 -0.48
C LYS A 66 18.17 -17.19 0.08
N ASN A 67 19.26 -17.08 -0.70
CA ASN A 67 20.58 -17.50 -0.28
C ASN A 67 21.47 -16.35 0.15
N GLY A 68 20.87 -15.21 0.49
CA GLY A 68 21.63 -14.07 0.95
C GLY A 68 20.82 -13.33 1.98
N ILE A 69 21.13 -12.06 2.20
CA ILE A 69 20.41 -11.26 3.17
C ILE A 69 19.55 -10.26 2.43
N ARG A 70 18.30 -10.16 2.86
CA ARG A 70 17.31 -9.23 2.32
C ARG A 70 17.10 -8.15 3.38
N PHE A 71 17.33 -6.88 3.00
CA PHE A 71 17.19 -5.75 3.93
C PHE A 71 15.85 -5.05 3.72
N THR A 72 15.14 -4.78 4.82
CA THR A 72 13.84 -4.14 4.79
C THR A 72 13.89 -2.66 5.11
N ASP A 73 15.02 -2.18 5.62
CA ASP A 73 15.22 -0.80 5.99
C ASP A 73 16.51 -0.25 5.40
N ALA A 74 16.81 -0.57 4.14
CA ALA A 74 18.00 -0.07 3.50
C ALA A 74 17.62 1.14 2.67
N HIS A 75 18.55 2.10 2.53
CA HIS A 75 18.18 3.30 1.79
C HIS A 75 19.22 3.80 0.82
N SER A 76 18.74 4.31 -0.31
CA SER A 76 19.64 4.99 -1.21
C SER A 76 19.98 6.33 -0.54
N SER A 77 20.98 7.04 -1.04
CA SER A 77 21.27 8.30 -0.34
C SER A 77 20.24 9.36 -0.64
N ALA A 78 19.63 9.33 -1.83
CA ALA A 78 18.69 10.36 -2.22
C ALA A 78 17.50 9.75 -2.92
N ALA A 79 16.53 10.60 -3.23
CA ALA A 79 15.31 10.21 -3.91
C ALA A 79 15.38 10.41 -5.42
N THR A 80 16.55 10.65 -5.99
CA THR A 80 16.71 10.81 -7.43
C THR A 80 18.06 10.21 -7.83
N SER A 81 18.22 9.92 -9.11
CA SER A 81 19.41 9.24 -9.64
C SER A 81 20.80 9.85 -9.42
N SER A 82 21.11 10.97 -10.08
CA SER A 82 22.45 11.56 -9.95
C SER A 82 22.94 11.66 -8.51
N PRO A 83 22.20 12.28 -7.57
CA PRO A 83 22.68 12.34 -6.18
C PRO A 83 22.97 10.98 -5.55
N SER A 84 22.09 9.99 -5.76
CA SER A 84 22.33 8.67 -5.19
C SER A 84 23.59 8.03 -5.79
N ARG A 85 23.77 8.16 -7.10
CA ARG A 85 24.95 7.58 -7.74
C ARG A 85 26.23 8.25 -7.24
N TYR A 86 26.17 9.56 -7.00
CA TYR A 86 27.34 10.27 -6.48
C TYR A 86 27.71 9.75 -5.09
N SER A 87 26.72 9.58 -4.21
CA SER A 87 27.01 9.05 -2.88
C SER A 87 27.45 7.59 -2.94
N LEU A 88 26.89 6.81 -3.86
CA LEU A 88 27.25 5.41 -3.98
C LEU A 88 28.75 5.26 -4.21
N LEU A 89 29.31 6.05 -5.13
CA LEU A 89 30.71 6.00 -5.53
C LEU A 89 31.67 6.84 -4.68
N THR A 90 31.19 7.89 -3.99
CA THR A 90 32.07 8.74 -3.21
C THR A 90 31.95 8.58 -1.69
N GLY A 91 31.01 7.77 -1.22
CA GLY A 91 30.85 7.60 0.22
C GLY A 91 30.48 8.87 0.94
N GLU A 92 29.81 9.79 0.25
CA GLU A 92 29.42 11.04 0.90
C GLU A 92 28.07 11.53 0.40
N HIS A 93 27.37 12.24 1.28
CA HIS A 93 26.06 12.79 0.97
C HIS A 93 26.11 13.72 -0.22
N ALA A 94 25.11 13.58 -1.11
CA ALA A 94 25.08 14.38 -2.33
C ALA A 94 24.96 15.88 -2.08
N PHE A 95 24.35 16.30 -0.97
CA PHE A 95 24.23 17.75 -0.74
C PHE A 95 25.59 18.41 -0.52
N ARG A 96 26.62 17.65 -0.14
CA ARG A 96 27.94 18.23 0.05
C ARG A 96 28.50 18.81 -1.24
N LYS A 97 27.89 18.50 -2.39
CA LYS A 97 28.31 19.06 -3.68
C LYS A 97 27.09 19.48 -4.49
N ASN A 98 25.93 19.62 -3.84
CA ASN A 98 24.66 20.03 -4.44
C ASN A 98 24.38 19.31 -5.75
N ILE A 99 24.45 17.99 -5.71
CA ILE A 99 24.21 17.18 -6.89
C ILE A 99 22.71 17.10 -7.12
N ARG A 100 22.29 17.32 -8.35
CA ARG A 100 20.90 17.24 -8.73
C ARG A 100 20.79 16.39 -9.99
N ILE A 101 19.56 16.13 -10.45
CA ILE A 101 19.40 15.34 -11.68
C ILE A 101 20.16 16.04 -12.79
N LEU A 102 21.09 15.33 -13.40
CA LEU A 102 21.92 15.89 -14.45
C LEU A 102 21.30 15.76 -15.83
N LYS A 103 21.62 16.73 -16.70
CA LYS A 103 21.19 16.75 -18.10
C LYS A 103 22.23 15.98 -18.93
N GLY A 104 21.80 15.49 -20.08
CA GLY A 104 22.68 14.71 -20.95
C GLY A 104 24.06 15.22 -21.31
N ASP A 105 24.31 16.53 -21.17
CA ASP A 105 25.62 17.10 -21.50
C ASP A 105 26.27 17.79 -20.31
N ALA A 106 25.82 17.47 -19.11
CA ALA A 106 26.38 18.04 -17.90
C ALA A 106 27.81 17.56 -17.71
N PRO A 107 28.62 18.31 -16.97
CA PRO A 107 30.00 17.91 -16.70
C PRO A 107 30.11 16.98 -15.48
N LEU A 108 31.14 16.13 -15.51
CA LEU A 108 31.39 15.16 -14.44
C LEU A 108 31.41 15.84 -13.08
N VAL A 109 30.58 15.33 -12.16
CA VAL A 109 30.46 15.85 -10.81
C VAL A 109 31.51 15.27 -9.86
N ILE A 110 32.22 14.24 -10.28
CA ILE A 110 33.26 13.63 -9.45
C ILE A 110 34.60 14.12 -9.97
N SER A 111 35.36 14.79 -9.11
CA SER A 111 36.66 15.32 -9.50
C SER A 111 37.64 14.20 -9.87
N GLU A 112 38.59 14.55 -10.75
CA GLU A 112 39.57 13.55 -11.18
C GLU A 112 40.48 13.09 -10.05
N VAL A 113 40.54 13.81 -8.93
CA VAL A 113 41.34 13.39 -7.79
C VAL A 113 40.50 12.96 -6.61
N GLN A 114 39.18 13.08 -6.70
CA GLN A 114 38.29 12.67 -5.61
C GLN A 114 38.49 11.18 -5.33
N LYS A 115 38.40 10.80 -4.06
CA LYS A 115 38.54 9.39 -3.68
C LYS A 115 37.23 8.68 -3.95
N THR A 116 37.24 7.68 -4.84
CA THR A 116 36.04 6.93 -5.17
C THR A 116 36.19 5.46 -4.84
N LEU A 117 35.05 4.78 -4.76
CA LEU A 117 35.05 3.34 -4.45
C LEU A 117 35.81 2.56 -5.49
N PRO A 118 35.61 2.74 -6.80
CA PRO A 118 36.42 1.97 -7.75
C PRO A 118 37.91 2.25 -7.59
N LYS A 119 38.33 3.52 -7.44
CA LYS A 119 39.76 3.82 -7.22
C LYS A 119 40.29 3.05 -6.01
N MET A 120 39.53 3.04 -4.91
CA MET A 120 39.87 2.29 -3.71
C MET A 120 40.15 0.82 -4.02
N LEU A 121 39.21 0.18 -4.74
CA LEU A 121 39.38 -1.22 -5.11
C LEU A 121 40.57 -1.40 -6.04
N GLN A 122 40.91 -0.37 -6.82
CA GLN A 122 42.05 -0.48 -7.72
C GLN A 122 43.35 -0.58 -6.94
N THR A 123 43.49 0.20 -5.87
CA THR A 123 44.71 0.17 -5.07
C THR A 123 44.99 -1.20 -4.47
N VAL A 124 44.03 -2.12 -4.52
CA VAL A 124 44.28 -3.45 -3.98
C VAL A 124 44.17 -4.50 -5.08
N GLY A 125 44.37 -4.09 -6.34
CA GLY A 125 44.40 -5.00 -7.47
C GLY A 125 43.09 -5.33 -8.19
N TYR A 126 41.97 -4.72 -7.82
CA TYR A 126 40.72 -5.03 -8.50
C TYR A 126 40.66 -4.41 -9.90
N ARG A 127 40.15 -5.16 -10.87
CA ARG A 127 39.92 -4.63 -12.21
C ARG A 127 38.49 -4.09 -12.14
N THR A 128 38.29 -2.81 -12.41
CA THR A 128 36.95 -2.25 -12.29
C THR A 128 36.27 -1.94 -13.62
N GLY A 129 34.95 -2.10 -13.63
CA GLY A 129 34.17 -1.82 -14.81
C GLY A 129 32.74 -1.45 -14.47
N ILE A 130 32.10 -0.73 -15.40
CA ILE A 130 30.70 -0.33 -15.30
C ILE A 130 30.03 -0.55 -16.65
N VAL A 131 28.83 -1.15 -16.64
CA VAL A 131 28.02 -1.38 -17.83
C VAL A 131 26.62 -0.82 -17.56
N GLY A 132 26.23 0.19 -18.32
CA GLY A 132 24.91 0.75 -18.15
C GLY A 132 24.84 2.26 -18.01
N LYS A 133 23.80 2.72 -17.31
CA LYS A 133 23.56 4.14 -17.07
C LYS A 133 24.65 4.77 -16.22
N TRP A 134 25.03 6.00 -16.60
CA TRP A 134 26.06 6.79 -15.90
C TRP A 134 25.37 7.89 -15.11
N HIS A 135 24.95 8.93 -15.83
CA HIS A 135 24.21 10.03 -15.24
C HIS A 135 25.01 10.79 -14.18
N LEU A 136 26.33 10.77 -14.30
CA LEU A 136 27.22 11.47 -13.37
C LEU A 136 27.99 12.59 -14.06
N GLY A 137 27.60 12.97 -15.27
CA GLY A 137 28.28 14.01 -16.02
C GLY A 137 29.43 13.46 -16.84
N LEU A 138 29.69 14.11 -17.96
CA LEU A 138 30.79 13.59 -18.78
C LEU A 138 31.85 14.62 -19.15
N GLY A 139 31.49 15.86 -19.41
CA GLY A 139 32.54 16.80 -19.78
C GLY A 139 33.41 17.26 -18.60
N ASP A 140 34.19 18.32 -18.87
CA ASP A 140 35.02 18.94 -17.84
C ASP A 140 34.47 20.32 -17.46
N GLY A 141 33.50 20.83 -18.22
CA GLY A 141 32.91 22.12 -17.93
C GLY A 141 33.34 23.28 -18.80
N ASN A 142 34.65 23.46 -18.98
CA ASN A 142 35.19 24.57 -19.79
C ASN A 142 34.55 24.62 -21.17
N THR A 143 34.62 23.51 -21.92
CA THR A 143 34.02 23.48 -23.24
C THR A 143 32.94 22.39 -23.27
N PRO A 144 31.76 22.63 -23.89
CA PRO A 144 30.72 21.59 -23.94
C PRO A 144 31.26 20.29 -24.50
N VAL A 145 30.52 19.20 -24.30
CA VAL A 145 30.99 17.91 -24.76
C VAL A 145 30.90 17.80 -26.28
N ASN A 146 32.02 17.42 -26.90
CA ASN A 146 32.05 17.18 -28.34
C ASN A 146 31.91 15.68 -28.46
N TRP A 147 30.69 15.24 -28.75
CA TRP A 147 30.45 13.80 -28.85
C TRP A 147 31.21 13.13 -29.99
N ASN A 148 31.93 13.89 -30.81
CA ASN A 148 32.66 13.33 -31.93
C ASN A 148 34.13 13.06 -31.65
N GLU A 149 34.70 13.62 -30.58
CA GLU A 149 36.08 13.38 -30.18
C GLU A 149 36.07 12.61 -28.86
N LYS A 150 37.26 12.30 -28.32
CA LYS A 150 37.31 11.56 -27.06
C LYS A 150 36.56 12.32 -25.99
N VAL A 151 35.74 11.59 -25.23
CA VAL A 151 34.93 12.18 -24.16
C VAL A 151 35.65 11.90 -22.84
N LYS A 152 36.17 12.94 -22.22
CA LYS A 152 36.93 12.88 -20.98
C LYS A 152 36.79 14.19 -20.23
N PRO A 153 36.82 14.17 -18.89
CA PRO A 153 36.96 12.99 -18.04
C PRO A 153 35.66 12.25 -17.88
N GLY A 154 35.72 10.98 -17.49
CA GLY A 154 34.53 10.19 -17.27
C GLY A 154 34.85 8.99 -16.40
N PRO A 155 34.07 7.92 -16.56
CA PRO A 155 34.31 6.71 -15.75
C PRO A 155 35.76 6.31 -15.68
N LEU A 156 36.48 6.41 -16.81
CA LEU A 156 37.88 6.02 -16.81
C LEU A 156 38.75 6.94 -15.97
N GLU A 157 38.27 8.15 -15.67
CA GLU A 157 39.04 9.10 -14.88
C GLU A 157 38.66 9.10 -13.40
N VAL A 158 37.70 8.28 -12.97
CA VAL A 158 37.28 8.26 -11.59
C VAL A 158 37.37 6.88 -10.95
N GLY A 159 38.18 5.98 -11.52
CA GLY A 159 38.35 4.65 -10.97
C GLY A 159 37.95 3.49 -11.85
N PHE A 160 37.48 3.68 -13.09
CA PHE A 160 37.08 2.54 -13.90
C PHE A 160 38.09 2.21 -15.00
N ASP A 161 38.37 0.91 -15.15
CA ASP A 161 39.25 0.44 -16.21
C ASP A 161 38.46 0.31 -17.52
N TYR A 162 37.28 -0.31 -17.45
CA TYR A 162 36.41 -0.51 -18.60
C TYR A 162 35.07 0.21 -18.38
N SER A 163 34.51 0.75 -19.45
CA SER A 163 33.26 1.46 -19.32
C SER A 163 32.47 1.33 -20.62
N PHE A 164 31.18 1.01 -20.49
CA PHE A 164 30.24 0.88 -21.60
C PHE A 164 29.00 1.56 -21.04
N LEU A 165 28.72 2.79 -21.47
CA LEU A 165 27.62 3.48 -20.84
C LEU A 165 26.51 3.99 -21.74
N ILE A 166 25.49 4.40 -21.01
CA ILE A 166 24.31 5.18 -21.39
C ILE A 166 24.62 6.54 -20.78
N PRO A 167 25.09 7.50 -21.56
CA PRO A 167 25.53 8.79 -21.01
C PRO A 167 24.66 9.40 -19.94
N ALA A 168 23.43 9.76 -20.27
CA ALA A 168 22.57 10.38 -19.27
C ALA A 168 21.58 9.38 -18.71
N THR A 169 20.39 9.33 -19.30
CA THR A 169 19.33 8.41 -18.91
C THR A 169 18.69 7.91 -20.19
N GLY A 170 17.87 6.86 -20.07
CA GLY A 170 17.22 6.33 -21.25
C GLY A 170 16.36 7.34 -22.00
N ASP A 171 15.83 8.34 -21.30
CA ASP A 171 14.99 9.35 -21.93
C ASP A 171 15.72 10.65 -22.24
N ARG A 172 17.05 10.72 -22.09
CA ARG A 172 17.80 11.93 -22.39
C ARG A 172 18.75 11.69 -23.56
N VAL A 173 18.79 12.63 -24.49
CA VAL A 173 19.70 12.51 -25.63
C VAL A 173 21.09 12.88 -25.11
N PRO A 174 22.19 12.33 -25.67
CA PRO A 174 22.28 11.42 -26.80
C PRO A 174 21.88 9.95 -26.53
N SER A 175 21.13 9.39 -27.49
CA SER A 175 20.66 8.00 -27.47
C SER A 175 21.72 7.11 -28.13
N VAL A 176 22.91 7.10 -27.55
CA VAL A 176 24.02 6.35 -28.10
C VAL A 176 24.82 5.77 -26.95
N PHE A 177 25.60 4.73 -27.27
CA PHE A 177 26.46 4.09 -26.27
C PHE A 177 27.85 4.72 -26.32
N LEU A 178 28.41 5.03 -25.17
CA LEU A 178 29.75 5.61 -25.11
C LEU A 178 30.66 4.60 -24.44
N GLU A 179 31.51 3.95 -25.24
CA GLU A 179 32.46 2.96 -24.75
C GLU A 179 33.76 3.65 -24.42
N ASN A 180 34.25 3.44 -23.19
CA ASN A 180 35.45 4.09 -22.71
C ASN A 180 35.32 5.57 -23.01
N HIS A 181 36.12 6.07 -23.94
CA HIS A 181 36.09 7.48 -24.34
C HIS A 181 35.40 7.73 -25.69
N ASP A 182 34.93 6.70 -26.39
CA ASP A 182 34.36 6.88 -27.72
C ASP A 182 32.93 6.39 -27.90
N VAL A 183 32.15 7.19 -28.63
CA VAL A 183 30.75 6.87 -28.93
C VAL A 183 30.73 5.68 -29.87
N VAL A 184 30.04 4.62 -29.48
CA VAL A 184 29.97 3.39 -30.24
C VAL A 184 29.27 3.59 -31.58
N ASN A 185 29.90 3.10 -32.66
CA ASN A 185 29.37 3.13 -34.03
C ASN A 185 29.14 4.54 -34.58
N LEU A 186 30.02 5.45 -34.25
CA LEU A 186 29.90 6.83 -34.72
C LEU A 186 30.61 6.92 -36.06
N GLU A 187 29.97 7.54 -37.06
CA GLU A 187 30.56 7.68 -38.39
C GLU A 187 30.99 9.14 -38.55
N LYS A 188 32.28 9.36 -38.84
CA LYS A 188 32.76 10.74 -39.04
C LYS A 188 31.94 11.45 -40.09
N SER A 189 31.38 10.69 -41.04
CA SER A 189 30.53 11.20 -42.08
C SER A 189 29.22 11.79 -41.55
N ASP A 190 28.86 11.50 -40.29
CA ASP A 190 27.60 11.96 -39.71
C ASP A 190 27.81 12.43 -38.27
N PRO A 191 28.56 13.52 -38.07
CA PRO A 191 28.83 13.99 -36.70
C PRO A 191 27.59 14.12 -35.83
N LEU A 192 27.77 13.80 -34.54
CA LEU A 192 26.70 13.81 -33.54
C LEU A 192 26.73 15.10 -32.71
N PHE A 193 25.56 15.69 -32.50
CA PHE A 193 25.39 16.91 -31.73
C PHE A 193 24.12 16.80 -30.92
N VAL A 194 24.06 17.58 -29.83
CA VAL A 194 22.89 17.60 -28.95
C VAL A 194 22.64 19.03 -28.53
N ASN A 195 21.38 19.35 -28.30
CA ASN A 195 20.98 20.68 -27.87
C ASN A 195 19.76 20.49 -27.00
N TYR A 196 19.71 21.20 -25.88
CA TYR A 196 18.59 21.09 -24.95
C TYR A 196 17.66 22.29 -24.95
N GLN A 197 18.01 23.42 -25.59
CA GLN A 197 17.15 24.59 -25.61
C GLN A 197 16.36 24.79 -26.90
N LYS A 198 16.90 24.38 -28.05
CA LYS A 198 16.19 24.54 -29.32
C LYS A 198 16.45 23.34 -30.24
N LYS A 199 15.56 23.17 -31.21
CA LYS A 199 15.70 22.07 -32.16
C LYS A 199 16.94 22.24 -33.05
N ILE A 200 17.62 21.12 -33.29
CA ILE A 200 18.78 21.04 -34.17
C ILE A 200 18.61 19.74 -34.96
N GLY A 201 19.21 19.69 -36.14
CA GLY A 201 19.09 18.51 -36.97
C GLY A 201 17.73 18.37 -37.65
N GLN A 202 17.60 17.29 -38.43
CA GLN A 202 16.38 17.02 -39.18
C GLN A 202 15.59 15.84 -38.62
N ARG A 203 15.78 15.50 -37.35
CA ARG A 203 15.00 14.37 -36.87
C ARG A 203 13.59 14.81 -36.52
N PRO A 204 12.60 13.95 -36.74
CA PRO A 204 11.24 14.31 -36.36
C PRO A 204 11.12 14.37 -34.85
N THR A 205 10.16 15.14 -34.35
CA THR A 205 9.97 15.27 -32.92
C THR A 205 8.60 14.73 -32.54
N GLY A 206 8.36 14.66 -31.23
CA GLY A 206 7.07 14.20 -30.75
C GLY A 206 6.00 15.27 -30.83
N TYR A 207 6.37 16.55 -30.72
CA TYR A 207 5.38 17.61 -30.83
C TYR A 207 5.04 17.89 -32.29
N GLU A 208 6.00 17.71 -33.20
CA GLU A 208 5.73 17.94 -34.61
C GLU A 208 5.15 16.70 -35.28
N ASN A 209 5.62 15.51 -34.87
CA ASN A 209 5.23 14.25 -35.49
C ASN A 209 4.71 13.22 -34.48
N PRO A 210 3.64 13.54 -33.76
CA PRO A 210 3.11 12.58 -32.77
C PRO A 210 2.63 11.29 -33.40
N GLU A 211 2.41 11.30 -34.72
CA GLU A 211 1.96 10.10 -35.40
C GLU A 211 2.96 8.94 -35.26
N LEU A 212 4.26 9.24 -35.25
CA LEU A 212 5.30 8.22 -35.20
C LEU A 212 5.63 7.67 -33.83
N LEU A 213 5.08 8.22 -32.75
CA LEU A 213 5.43 7.78 -31.41
C LEU A 213 4.91 6.39 -31.04
N LYS A 214 5.75 5.60 -30.37
CA LYS A 214 5.34 4.30 -29.85
C LYS A 214 4.51 4.48 -28.56
N GLN A 215 4.84 5.52 -27.78
CA GLN A 215 4.17 5.87 -26.54
C GLN A 215 4.01 7.38 -26.52
N GLY A 216 2.93 7.85 -25.92
CA GLY A 216 2.73 9.27 -25.80
C GLY A 216 3.77 9.86 -24.85
N ALA A 217 4.01 11.16 -24.97
CA ALA A 217 5.00 11.80 -24.12
C ALA A 217 4.48 13.15 -23.64
N ASP A 218 4.96 13.58 -22.48
CA ASP A 218 4.53 14.88 -22.02
C ASP A 218 5.45 15.93 -22.65
N GLU A 219 5.18 17.21 -22.36
CA GLU A 219 5.97 18.29 -22.94
C GLU A 219 7.47 18.08 -22.82
N GLN A 220 7.96 17.80 -21.60
CA GLN A 220 9.41 17.63 -21.42
C GLN A 220 10.01 16.52 -22.28
N HIS A 221 9.26 15.44 -22.52
CA HIS A 221 9.77 14.28 -23.26
C HIS A 221 9.37 14.20 -24.75
N ASN A 222 8.79 15.26 -25.35
CA ASN A 222 8.34 15.16 -26.75
C ASN A 222 9.32 15.76 -27.79
N LYS A 223 10.61 15.77 -27.51
CA LYS A 223 11.54 16.34 -28.49
C LYS A 223 11.92 15.30 -29.54
N SER A 224 13.20 15.29 -29.94
CA SER A 224 13.74 14.40 -30.96
C SER A 224 13.33 12.94 -30.75
N ILE A 225 12.81 12.33 -31.83
CA ILE A 225 12.38 10.94 -31.81
C ILE A 225 13.54 10.05 -32.26
N ILE A 226 13.80 9.00 -31.48
CA ILE A 226 14.83 7.99 -31.75
C ILE A 226 14.20 6.65 -31.40
N ASN A 227 14.08 5.77 -32.39
CA ASN A 227 13.47 4.44 -32.24
C ASN A 227 11.99 4.55 -31.87
N GLY A 228 11.30 5.52 -32.46
CA GLY A 228 9.88 5.73 -32.24
C GLY A 228 9.46 6.40 -30.94
N VAL A 229 10.40 6.77 -30.08
CA VAL A 229 10.08 7.38 -28.81
C VAL A 229 10.81 8.72 -28.68
N SER A 230 10.06 9.78 -28.39
CA SER A 230 10.70 11.08 -28.21
C SER A 230 11.41 11.12 -26.86
N ARG A 231 12.47 11.91 -26.79
CA ARG A 231 13.31 12.04 -25.60
C ARG A 231 13.43 13.51 -25.21
N ILE A 232 14.14 13.76 -24.11
CA ILE A 232 14.39 15.12 -23.62
C ILE A 232 15.60 15.66 -24.39
N GLY A 233 15.40 16.81 -25.06
CA GLY A 233 16.45 17.44 -25.84
C GLY A 233 16.41 17.01 -27.29
N TRP A 234 17.19 17.71 -28.12
CA TRP A 234 17.26 17.43 -29.54
C TRP A 234 18.59 16.77 -29.88
N MET A 235 18.55 15.86 -30.85
CA MET A 235 19.72 15.10 -31.26
C MET A 235 19.90 15.20 -32.78
N GLN A 236 21.03 15.74 -33.21
CA GLN A 236 21.38 15.90 -34.61
C GLN A 236 22.46 14.90 -35.00
N GLY A 237 22.30 14.28 -36.18
CA GLY A 237 23.25 13.32 -36.73
C GLY A 237 23.43 12.05 -35.90
N GLY A 238 24.59 11.43 -36.12
CA GLY A 238 24.98 10.20 -35.45
C GLY A 238 24.00 9.05 -35.57
N GLU A 239 23.30 8.94 -36.70
CA GLU A 239 22.32 7.87 -36.85
C GLU A 239 22.96 6.48 -36.71
N SER A 240 24.18 6.31 -37.20
CA SER A 240 24.80 4.99 -37.06
C SER A 240 25.08 4.64 -35.59
N ALA A 241 25.21 5.64 -34.71
CA ALA A 241 25.48 5.43 -33.30
C ALA A 241 24.20 5.21 -32.46
N GLU A 242 23.04 5.33 -33.08
CA GLU A 242 21.76 5.13 -32.40
C GLU A 242 21.66 3.75 -31.74
N TRP A 243 21.07 3.71 -30.53
CA TRP A 243 20.87 2.47 -29.78
C TRP A 243 19.49 1.90 -30.12
N HIS A 244 19.20 0.72 -29.60
CA HIS A 244 17.88 0.07 -29.79
C HIS A 244 17.40 -0.29 -28.39
N ASP A 245 16.49 0.51 -27.84
CA ASP A 245 15.99 0.33 -26.47
C ASP A 245 15.59 -1.12 -26.17
N GLU A 246 14.85 -1.74 -27.08
CA GLU A 246 14.37 -3.10 -26.87
C GLU A 246 15.49 -4.12 -26.80
N THR A 247 16.74 -3.75 -27.10
CA THR A 247 17.83 -4.70 -26.98
C THR A 247 18.80 -4.31 -25.87
N PHE A 248 18.46 -3.32 -25.05
CA PHE A 248 19.32 -2.97 -23.91
C PHE A 248 19.65 -4.22 -23.12
N ASN A 249 18.65 -5.08 -22.88
CA ASN A 249 18.87 -6.31 -22.12
C ASN A 249 20.01 -7.16 -22.71
N ILE A 250 19.99 -7.35 -24.04
CA ILE A 250 21.02 -8.17 -24.67
C ILE A 250 22.36 -7.45 -24.69
N VAL A 251 22.37 -6.21 -25.21
CA VAL A 251 23.62 -5.44 -25.33
C VAL A 251 24.33 -5.31 -23.98
N THR A 252 23.59 -4.90 -22.94
CA THR A 252 24.23 -4.72 -21.64
C THR A 252 24.65 -6.06 -21.03
N SER A 253 23.78 -7.08 -21.03
CA SER A 253 24.22 -8.36 -20.45
C SER A 253 25.43 -8.91 -21.21
N ASP A 254 25.43 -8.77 -22.55
CA ASP A 254 26.56 -9.24 -23.36
C ASP A 254 27.87 -8.60 -22.87
N LYS A 255 27.87 -7.28 -22.66
CA LYS A 255 29.06 -6.58 -22.19
C LYS A 255 29.47 -7.04 -20.80
N ALA A 256 28.52 -7.10 -19.87
CA ALA A 256 28.88 -7.54 -18.51
C ALA A 256 29.43 -8.95 -18.52
N LYS A 257 28.87 -9.85 -19.33
CA LYS A 257 29.38 -11.22 -19.35
C LYS A 257 30.80 -11.26 -19.92
N GLN A 258 31.09 -10.43 -20.92
CA GLN A 258 32.43 -10.41 -21.49
C GLN A 258 33.44 -9.86 -20.47
N PHE A 259 33.14 -8.72 -19.85
CA PHE A 259 34.03 -8.16 -18.84
C PHE A 259 34.29 -9.17 -17.73
N ILE A 260 33.25 -9.91 -17.33
CA ILE A 260 33.41 -10.91 -16.27
C ILE A 260 34.31 -12.04 -16.75
N SER A 261 34.14 -12.44 -18.01
CA SER A 261 34.97 -13.51 -18.53
C SER A 261 36.42 -13.05 -18.64
N GLU A 262 36.65 -11.80 -19.07
CA GLU A 262 38.02 -11.30 -19.19
C GLU A 262 38.73 -11.25 -17.85
N SER A 263 38.04 -10.91 -16.76
CA SER A 263 38.67 -10.75 -15.46
C SER A 263 38.40 -11.90 -14.49
N SER A 264 38.05 -13.09 -15.01
CA SER A 264 37.70 -14.24 -14.17
C SER A 264 38.86 -14.76 -13.32
N LYS A 265 40.12 -14.56 -13.71
CA LYS A 265 41.24 -15.07 -12.92
C LYS A 265 41.86 -14.02 -12.00
N GLN A 266 41.12 -12.95 -11.72
CA GLN A 266 41.62 -11.87 -10.86
C GLN A 266 40.43 -11.22 -10.17
N PRO A 267 40.67 -10.44 -9.12
CA PRO A 267 39.55 -9.74 -8.47
C PRO A 267 38.99 -8.66 -9.40
N PHE A 268 37.66 -8.61 -9.50
CA PHE A 268 37.01 -7.62 -10.34
C PHE A 268 35.81 -7.03 -9.60
N PHE A 269 35.45 -5.82 -10.02
CA PHE A 269 34.32 -5.10 -9.49
C PHE A 269 33.54 -4.63 -10.71
N LEU A 270 32.24 -4.93 -10.75
CA LEU A 270 31.38 -4.57 -11.87
C LEU A 270 30.12 -3.86 -11.37
N LEU A 271 29.96 -2.60 -11.75
CA LEU A 271 28.76 -1.86 -11.41
C LEU A 271 27.85 -2.04 -12.62
N PHE A 272 26.80 -2.85 -12.48
CA PHE A 272 25.85 -3.09 -13.57
C PHE A 272 24.68 -2.17 -13.28
N SER A 273 24.69 -1.03 -13.98
CA SER A 273 23.74 0.05 -13.83
C SER A 273 22.66 -0.06 -14.89
N PHE A 274 21.47 -0.49 -14.48
CA PHE A 274 20.39 -0.69 -15.42
C PHE A 274 19.73 0.59 -15.91
N HIS A 275 19.01 0.45 -17.01
CA HIS A 275 18.11 1.48 -17.47
C HIS A 275 16.72 1.14 -16.95
N ASP A 276 16.40 -0.16 -16.88
CA ASP A 276 15.16 -0.60 -16.27
C ASP A 276 15.18 -0.11 -14.83
N ILE A 277 14.04 0.30 -14.27
CA ILE A 277 12.73 0.30 -14.92
C ILE A 277 12.33 1.75 -15.22
N HIS A 278 13.34 2.56 -15.52
CA HIS A 278 13.18 3.98 -15.83
C HIS A 278 12.51 4.19 -17.20
N VAL A 279 11.76 5.29 -17.32
CA VAL A 279 11.10 5.64 -18.57
C VAL A 279 12.16 6.09 -19.57
N PRO A 280 12.01 5.83 -20.89
CA PRO A 280 10.86 5.12 -21.42
C PRO A 280 11.04 3.62 -21.27
N ARG A 281 10.01 2.97 -20.72
CA ARG A 281 10.02 1.54 -20.52
C ARG A 281 9.72 0.89 -21.88
N LEU A 282 10.77 0.37 -22.52
CA LEU A 282 10.68 -0.29 -23.82
C LEU A 282 11.33 -1.67 -23.72
N PRO A 283 10.68 -2.60 -23.02
CA PRO A 283 11.27 -3.93 -22.85
C PRO A 283 11.30 -4.75 -24.13
N ASN A 284 12.23 -5.70 -24.15
CA ASN A 284 12.38 -6.62 -25.26
C ASN A 284 11.04 -7.34 -25.51
N GLU A 285 10.80 -7.68 -26.78
CA GLU A 285 9.51 -8.31 -27.10
C GLU A 285 9.30 -9.58 -26.31
N MET A 286 10.36 -10.32 -25.99
CA MET A 286 10.18 -11.56 -25.26
C MET A 286 9.59 -11.37 -23.86
N PHE A 287 9.44 -10.13 -23.39
CA PHE A 287 8.87 -9.85 -22.09
C PHE A 287 7.54 -9.13 -22.15
N ARG A 288 7.21 -8.52 -23.29
CA ARG A 288 5.95 -7.81 -23.42
C ARG A 288 4.79 -8.76 -23.15
N GLY A 289 3.97 -8.42 -22.16
CA GLY A 289 2.84 -9.23 -21.81
C GLY A 289 3.10 -10.22 -20.70
N LYS A 290 4.32 -10.26 -20.15
CA LYS A 290 4.57 -11.22 -19.08
C LYS A 290 3.78 -10.87 -17.82
N THR A 291 3.41 -9.62 -17.64
CA THR A 291 2.61 -9.17 -16.51
C THR A 291 1.36 -8.48 -17.04
N ASN A 292 0.43 -8.18 -16.14
CA ASN A 292 -0.76 -7.44 -16.52
C ASN A 292 -0.66 -5.97 -16.14
N MET A 293 0.56 -5.47 -16.05
CA MET A 293 0.79 -4.09 -15.65
C MET A 293 1.33 -3.22 -16.77
N GLY A 294 1.52 -3.76 -17.97
CA GLY A 294 2.04 -2.95 -19.05
C GLY A 294 3.56 -2.90 -19.08
N ALA A 295 4.07 -1.95 -19.86
CA ALA A 295 5.51 -1.82 -20.04
C ALA A 295 6.30 -1.76 -18.72
N ARG A 296 5.80 -1.00 -17.73
CA ARG A 296 6.52 -0.93 -16.45
C ARG A 296 6.68 -2.30 -15.83
N GLY A 297 5.59 -3.08 -15.74
CA GLY A 297 5.72 -4.41 -15.17
C GLY A 297 6.65 -5.29 -15.99
N ASP A 298 6.50 -5.27 -17.32
CA ASP A 298 7.33 -6.09 -18.18
C ASP A 298 8.80 -5.68 -18.07
N SER A 299 9.09 -4.40 -17.77
CA SER A 299 10.49 -4.01 -17.59
C SER A 299 11.06 -4.68 -16.34
N ILE A 300 10.23 -4.90 -15.32
CA ILE A 300 10.70 -5.59 -14.12
C ILE A 300 11.06 -7.02 -14.48
N VAL A 301 10.26 -7.64 -15.36
CA VAL A 301 10.54 -9.01 -15.80
C VAL A 301 11.86 -9.03 -16.55
N GLN A 302 12.05 -8.08 -17.47
CA GLN A 302 13.29 -7.99 -18.24
C GLN A 302 14.47 -7.79 -17.31
N MET A 303 14.32 -6.86 -16.36
CA MET A 303 15.37 -6.57 -15.40
C MET A 303 15.76 -7.83 -14.65
N ASP A 304 14.77 -8.64 -14.23
CA ASP A 304 15.09 -9.88 -13.54
C ASP A 304 15.84 -10.85 -14.45
N TRP A 305 15.43 -10.93 -15.72
CA TRP A 305 16.12 -11.79 -16.68
C TRP A 305 17.58 -11.36 -16.86
N THR A 306 17.80 -10.06 -17.10
CA THR A 306 19.16 -9.56 -17.26
C THR A 306 20.02 -9.95 -16.07
N THR A 307 19.49 -9.76 -14.85
CA THR A 307 20.20 -10.15 -13.64
C THR A 307 20.56 -11.63 -13.68
N GLY A 308 19.63 -12.45 -14.17
CA GLY A 308 19.89 -13.88 -14.29
C GLY A 308 21.07 -14.17 -15.21
N GLN A 309 21.12 -13.49 -16.35
CA GLN A 309 22.22 -13.69 -17.29
C GLN A 309 23.58 -13.45 -16.63
N VAL A 310 23.70 -12.40 -15.81
CA VAL A 310 24.97 -12.10 -15.17
C VAL A 310 25.25 -13.12 -14.08
N VAL A 311 24.26 -13.37 -13.21
CA VAL A 311 24.41 -14.35 -12.13
C VAL A 311 24.81 -15.72 -12.70
N GLU A 312 24.05 -16.23 -13.67
CA GLU A 312 24.38 -17.52 -14.26
C GLU A 312 25.76 -17.51 -14.90
N LYS A 313 26.18 -16.37 -15.46
CA LYS A 313 27.53 -16.29 -16.02
C LYS A 313 28.56 -16.50 -14.93
N LEU A 314 28.34 -15.92 -13.75
CA LEU A 314 29.27 -16.11 -12.67
C LEU A 314 29.25 -17.56 -12.18
N ARG A 315 28.07 -18.21 -12.27
CA ARG A 315 27.97 -19.60 -11.86
C ARG A 315 28.77 -20.50 -12.80
N GLU A 316 28.59 -20.33 -14.12
CA GLU A 316 29.34 -21.14 -15.08
C GLU A 316 30.84 -21.08 -14.82
N LEU A 317 31.37 -19.92 -14.46
CA LEU A 317 32.78 -19.79 -14.18
C LEU A 317 33.11 -20.06 -12.72
N ASN A 318 32.21 -20.73 -12.01
CA ASN A 318 32.41 -21.10 -10.61
C ASN A 318 32.86 -19.92 -9.75
N LEU A 319 32.41 -18.71 -10.10
CA LEU A 319 32.80 -17.53 -9.33
C LEU A 319 31.75 -17.06 -8.33
N LEU A 320 30.50 -17.53 -8.45
CA LEU A 320 29.40 -17.03 -7.63
C LEU A 320 29.63 -17.14 -6.11
N ASP A 321 30.10 -18.29 -5.61
CA ASP A 321 30.30 -18.40 -4.16
C ASP A 321 31.34 -17.41 -3.64
N ASN A 322 32.32 -17.03 -4.46
CA ASN A 322 33.34 -16.08 -4.05
C ASN A 322 33.11 -14.71 -4.69
N THR A 323 31.86 -14.27 -4.74
CA THR A 323 31.50 -12.99 -5.30
C THR A 323 30.55 -12.30 -4.35
N LEU A 324 30.83 -11.05 -4.04
CA LEU A 324 29.95 -10.28 -3.19
C LEU A 324 28.98 -9.63 -4.18
N VAL A 325 27.75 -10.14 -4.22
CA VAL A 325 26.74 -9.58 -5.11
C VAL A 325 25.87 -8.68 -4.26
N ILE A 326 25.59 -7.50 -4.76
CA ILE A 326 24.75 -6.52 -4.07
C ILE A 326 23.74 -6.07 -5.10
N PHE A 327 22.47 -6.20 -4.77
CA PHE A 327 21.41 -5.83 -5.70
C PHE A 327 20.61 -4.72 -5.04
N THR A 328 20.65 -3.53 -5.63
CA THR A 328 19.89 -2.47 -5.00
C THR A 328 19.36 -1.55 -6.09
N SER A 329 18.85 -0.38 -5.67
CA SER A 329 18.21 0.59 -6.54
C SER A 329 18.69 2.01 -6.19
N ASP A 330 18.51 2.94 -7.12
CA ASP A 330 18.96 4.31 -6.88
C ASP A 330 17.95 5.20 -6.18
N ASN A 331 16.67 4.85 -6.20
CA ASN A 331 15.64 5.65 -5.53
C ASN A 331 14.31 4.90 -5.65
N GLY A 332 13.32 5.41 -4.93
CA GLY A 332 11.99 4.82 -4.93
C GLY A 332 11.30 4.86 -6.28
N ALA A 333 10.27 4.05 -6.37
CA ALA A 333 9.52 3.86 -7.60
C ALA A 333 8.64 5.05 -7.97
N VAL A 334 8.36 5.11 -9.28
CA VAL A 334 7.47 6.08 -9.88
C VAL A 334 6.62 5.33 -10.90
N LEU A 335 5.37 5.75 -11.07
CA LEU A 335 4.52 5.11 -12.08
C LEU A 335 4.52 6.04 -13.30
N THR A 336 3.80 7.16 -13.23
CA THR A 336 3.72 8.14 -14.31
C THR A 336 4.95 9.05 -14.27
N ASP A 337 5.91 8.85 -15.18
CA ASP A 337 7.14 9.66 -15.18
C ASP A 337 7.39 10.43 -16.47
N GLY A 338 6.37 10.65 -17.32
CA GLY A 338 6.56 11.40 -18.55
C GLY A 338 6.06 10.78 -19.86
N TYR A 339 5.72 9.49 -19.85
CA TYR A 339 5.22 8.83 -21.04
C TYR A 339 3.87 8.17 -20.74
N ASP A 340 3.01 8.07 -21.76
CA ASP A 340 1.72 7.39 -21.61
C ASP A 340 2.01 5.91 -21.84
N ASP A 341 2.39 5.23 -20.74
CA ASP A 341 2.77 3.81 -20.75
C ASP A 341 1.85 2.92 -19.95
N GLU A 342 0.75 3.45 -19.41
CA GLU A 342 -0.27 2.72 -18.65
C GLU A 342 0.17 2.29 -17.26
N ALA A 343 1.30 2.78 -16.76
CA ALA A 343 1.77 2.38 -15.42
C ALA A 343 0.70 2.58 -14.36
N LEU A 344 0.10 3.76 -14.30
CA LEU A 344 -0.93 3.99 -13.30
C LEU A 344 -2.26 3.31 -13.65
N LYS A 345 -2.68 3.35 -14.92
CA LYS A 345 -3.97 2.76 -15.27
C LYS A 345 -4.02 1.26 -14.99
N ARG A 346 -3.00 0.50 -15.39
CA ARG A 346 -3.00 -0.94 -15.17
C ARG A 346 -2.24 -1.36 -13.92
N ILE A 347 -2.14 -0.52 -12.89
CA ILE A 347 -1.37 -0.90 -11.69
C ILE A 347 -2.02 -2.07 -10.94
N GLY A 348 -3.34 -2.17 -10.97
CA GLY A 348 -4.02 -3.25 -10.25
C GLY A 348 -3.75 -3.20 -8.75
N THR A 349 -3.45 -4.36 -8.16
CA THR A 349 -3.17 -4.50 -6.73
C THR A 349 -1.70 -4.28 -6.37
N HIS A 350 -0.82 -4.12 -7.36
CA HIS A 350 0.60 -3.94 -7.11
C HIS A 350 0.90 -2.70 -6.25
N LYS A 351 1.75 -2.88 -5.23
CA LYS A 351 2.19 -1.82 -4.30
C LYS A 351 3.71 -1.63 -4.55
N GLN A 352 4.06 -0.78 -5.53
CA GLN A 352 5.47 -0.59 -5.89
C GLN A 352 6.35 -0.10 -4.73
N ASN A 353 5.77 0.58 -3.76
CA ASN A 353 6.52 1.06 -2.61
C ASN A 353 6.17 0.27 -1.34
N GLY A 354 5.47 -0.85 -1.50
CA GLY A 354 5.06 -1.62 -0.35
C GLY A 354 4.23 -0.76 0.59
N PRO A 355 4.43 -0.92 1.90
CA PRO A 355 3.67 -0.12 2.86
C PRO A 355 4.13 1.32 3.03
N TYR A 356 5.20 1.76 2.39
CA TYR A 356 5.71 3.10 2.59
C TYR A 356 5.13 4.12 1.65
N ARG A 357 4.93 5.33 2.17
CA ARG A 357 4.37 6.43 1.44
C ARG A 357 5.45 7.16 0.63
N GLY A 358 5.01 7.87 -0.41
CA GLY A 358 5.94 8.60 -1.23
C GLY A 358 6.36 7.80 -2.43
N GLY A 359 7.61 7.96 -2.82
CA GLY A 359 8.21 7.32 -3.95
C GLY A 359 9.30 8.23 -4.45
N LYS A 360 9.63 8.08 -5.75
CA LYS A 360 10.64 8.90 -6.39
C LYS A 360 10.36 10.37 -6.10
N TYR A 361 11.41 11.14 -5.86
CA TYR A 361 11.36 12.59 -5.55
C TYR A 361 10.87 12.93 -4.15
N SER A 362 10.26 11.99 -3.45
CA SER A 362 9.68 12.26 -2.14
C SER A 362 10.64 12.12 -0.96
N ILE A 363 10.35 12.90 0.10
CA ILE A 363 11.13 12.84 1.33
C ILE A 363 10.55 11.79 2.27
N TYR A 364 9.35 11.27 1.99
CA TYR A 364 8.83 10.20 2.81
C TYR A 364 9.70 8.96 2.59
N GLU A 365 9.50 7.96 3.44
CA GLU A 365 10.30 6.73 3.38
C GLU A 365 10.53 6.20 1.96
N ALA A 366 9.47 5.94 1.22
CA ALA A 366 9.59 5.35 -0.13
C ALA A 366 10.55 6.09 -1.05
N GLY A 367 10.89 7.35 -0.75
CA GLY A 367 11.82 8.05 -1.60
C GLY A 367 13.18 7.39 -1.62
N THR A 368 13.63 6.90 -0.46
CA THR A 368 14.93 6.27 -0.36
C THR A 368 14.91 4.84 0.16
N ARG A 369 13.77 4.37 0.67
CA ARG A 369 13.70 3.01 1.19
C ARG A 369 13.53 2.07 0.00
N ILE A 370 14.55 1.27 -0.27
CA ILE A 370 14.53 0.44 -1.47
C ILE A 370 14.98 -1.01 -1.30
N PRO A 371 14.89 -1.83 -2.37
CA PRO A 371 15.36 -3.22 -2.25
C PRO A 371 16.87 -3.23 -2.14
N PHE A 372 17.37 -4.06 -1.23
CA PHE A 372 18.81 -4.16 -1.02
C PHE A 372 19.10 -5.62 -0.68
N ILE A 373 19.81 -6.32 -1.57
CA ILE A 373 20.15 -7.72 -1.34
C ILE A 373 21.66 -7.92 -1.35
N VAL A 374 22.14 -8.75 -0.42
CA VAL A 374 23.55 -9.13 -0.32
C VAL A 374 23.60 -10.64 -0.56
N HIS A 375 24.42 -11.06 -1.51
CA HIS A 375 24.57 -12.47 -1.89
C HIS A 375 26.05 -12.76 -2.00
N TYR A 376 26.57 -13.53 -1.05
CA TYR A 376 27.96 -13.89 -0.87
C TYR A 376 28.00 -15.23 -0.12
N PRO A 377 27.74 -16.34 -0.78
CA PRO A 377 27.67 -17.63 -0.07
C PRO A 377 28.89 -18.00 0.77
N ASN A 378 30.12 -17.72 0.32
CA ASN A 378 31.30 -18.08 1.10
C ASN A 378 31.37 -17.39 2.46
N ARG A 379 30.63 -16.30 2.68
CA ARG A 379 30.69 -15.61 3.96
C ARG A 379 29.38 -15.11 4.54
N VAL A 380 28.28 -15.07 3.79
CA VAL A 380 27.03 -14.50 4.28
C VAL A 380 25.93 -15.57 4.36
N LYS A 381 25.36 -15.78 5.61
CA LYS A 381 24.29 -16.74 5.85
C LYS A 381 22.95 -16.11 5.49
N PRO A 382 22.01 -16.87 4.94
CA PRO A 382 20.71 -16.31 4.58
C PRO A 382 20.01 -15.66 5.76
N GLY A 383 19.38 -14.52 5.52
CA GLY A 383 18.68 -13.85 6.60
C GLY A 383 17.94 -12.64 6.08
N VAL A 384 17.17 -12.06 6.98
CA VAL A 384 16.43 -10.84 6.72
C VAL A 384 16.93 -9.83 7.73
N SER A 385 17.27 -8.63 7.27
CA SER A 385 17.77 -7.60 8.16
C SER A 385 16.82 -6.41 8.22
N ASN A 386 16.48 -6.00 9.44
CA ASN A 386 15.67 -4.81 9.69
C ASN A 386 16.54 -3.68 10.17
N SER A 387 17.87 -3.82 10.01
CA SER A 387 18.79 -2.77 10.45
C SER A 387 18.74 -1.58 9.51
N LEU A 388 18.82 -0.38 10.09
CA LEU A 388 18.83 0.86 9.32
C LEU A 388 20.12 0.87 8.52
N PHE A 389 20.02 0.60 7.23
CA PHE A 389 21.21 0.53 6.39
C PHE A 389 21.16 1.58 5.29
N SER A 390 22.35 2.07 4.95
CA SER A 390 22.54 3.11 3.94
C SER A 390 23.56 2.68 2.90
N GLN A 391 23.28 3.00 1.64
CA GLN A 391 24.22 2.66 0.57
C GLN A 391 25.52 3.46 0.68
N ILE A 392 25.49 4.59 1.42
CA ILE A 392 26.68 5.41 1.58
C ILE A 392 27.78 4.63 2.26
N ASP A 393 27.42 3.78 3.21
CA ASP A 393 28.36 2.94 3.96
C ASP A 393 28.93 1.80 3.16
N LEU A 394 28.67 1.66 1.86
CA LEU A 394 29.27 0.56 1.12
C LEU A 394 30.75 0.77 0.93
N TYR A 395 31.14 2.04 0.73
CA TYR A 395 32.54 2.40 0.52
C TYR A 395 33.41 1.99 1.70
N ALA A 396 33.06 2.41 2.91
CA ALA A 396 33.85 2.09 4.09
C ALA A 396 33.71 0.63 4.47
N SER A 397 32.54 0.01 4.25
CA SER A 397 32.39 -1.40 4.59
C SER A 397 33.25 -2.27 3.68
N ILE A 398 33.41 -1.87 2.42
CA ILE A 398 34.24 -2.67 1.51
C ILE A 398 35.71 -2.38 1.80
N ALA A 399 36.05 -1.16 2.24
CA ALA A 399 37.42 -0.87 2.62
C ALA A 399 37.82 -1.78 3.77
N GLU A 400 36.95 -1.83 4.79
CA GLU A 400 37.17 -2.70 5.96
C GLU A 400 37.33 -4.15 5.53
N LEU A 401 36.51 -4.59 4.57
CA LEU A 401 36.59 -5.97 4.12
C LEU A 401 37.99 -6.30 3.61
N LEU A 402 38.59 -5.39 2.84
CA LEU A 402 39.90 -5.61 2.25
C LEU A 402 41.05 -4.88 2.99
N GLY A 403 40.80 -4.32 4.17
CA GLY A 403 41.81 -3.63 4.95
C GLY A 403 42.38 -2.34 4.38
N VAL A 404 41.62 -1.56 3.63
CA VAL A 404 42.10 -0.31 3.03
C VAL A 404 41.83 0.82 4.02
N PRO A 405 42.86 1.40 4.63
CA PRO A 405 42.63 2.52 5.56
C PRO A 405 42.16 3.74 4.78
N LEU A 406 41.29 4.52 5.40
CA LEU A 406 40.69 5.69 4.77
C LEU A 406 41.19 7.01 5.35
N GLU A 407 41.46 7.98 4.47
CA GLU A 407 41.89 9.29 4.92
C GLU A 407 40.78 9.98 5.68
N GLU A 408 41.14 10.95 6.51
CA GLU A 408 40.14 11.67 7.26
C GLU A 408 39.18 12.40 6.35
N THR A 409 39.64 12.77 5.16
CA THR A 409 38.84 13.49 4.16
C THR A 409 38.15 12.57 3.16
N GLU A 410 38.31 11.26 3.30
CA GLU A 410 37.77 10.28 2.37
C GLU A 410 36.43 9.73 2.83
N ALA A 411 35.43 9.76 1.94
CA ALA A 411 34.10 9.22 2.20
C ALA A 411 33.68 9.51 3.64
N ILE A 412 33.71 10.79 3.98
CA ILE A 412 33.44 11.23 5.34
C ILE A 412 32.14 10.70 5.90
N ASP A 413 31.15 10.41 5.06
CA ASP A 413 29.88 9.93 5.58
C ASP A 413 29.76 8.42 5.59
N SER A 414 30.62 7.72 4.88
CA SER A 414 30.56 6.27 4.82
C SER A 414 31.15 5.64 6.08
N GLN A 415 30.29 4.94 6.83
CA GLN A 415 30.65 4.24 8.06
C GLN A 415 30.95 2.78 7.78
N ASN A 416 31.76 2.18 8.66
CA ASN A 416 32.12 0.77 8.53
C ASN A 416 30.93 -0.02 9.06
N GLN A 417 30.14 -0.58 8.16
CA GLN A 417 28.97 -1.34 8.54
C GLN A 417 29.03 -2.73 7.93
N LEU A 418 30.26 -3.22 7.76
CA LEU A 418 30.46 -4.54 7.17
C LEU A 418 29.83 -5.64 8.01
N SER A 419 29.81 -5.48 9.33
CA SER A 419 29.24 -6.52 10.18
C SER A 419 27.75 -6.72 9.92
N PRO A 420 26.89 -5.69 9.97
CA PRO A 420 25.47 -5.94 9.63
C PRO A 420 25.27 -6.25 8.15
N LEU A 421 26.25 -5.94 7.30
CA LEU A 421 26.11 -6.25 5.89
C LEU A 421 26.19 -7.75 5.65
N PHE A 422 26.96 -8.47 6.47
CA PHE A 422 27.17 -9.91 6.32
C PHE A 422 26.43 -10.75 7.35
N ASP A 423 25.73 -10.13 8.29
CA ASP A 423 25.00 -10.85 9.34
C ASP A 423 23.68 -10.13 9.55
N ALA A 424 22.58 -10.74 9.11
CA ALA A 424 21.27 -10.10 9.20
C ALA A 424 20.87 -9.76 10.64
N SER A 425 21.53 -10.36 11.65
CA SER A 425 21.25 -10.13 13.07
C SER A 425 21.97 -8.93 13.67
N LYS A 426 22.97 -8.38 12.99
CA LYS A 426 23.70 -7.25 13.56
C LYS A 426 23.01 -5.93 13.26
N LEU A 427 23.19 -4.97 14.16
CA LEU A 427 22.64 -3.65 13.95
C LEU A 427 23.57 -2.85 13.05
N ALA A 428 23.03 -1.79 12.43
CA ALA A 428 23.83 -0.96 11.56
C ALA A 428 23.74 0.46 12.08
N ARG A 429 23.01 1.35 11.42
CA ARG A 429 22.94 2.73 11.84
C ARG A 429 21.80 3.03 12.79
N LYS A 430 22.01 4.12 13.53
CA LYS A 430 21.04 4.69 14.44
C LYS A 430 20.43 5.92 13.78
N THR A 431 21.30 6.76 13.19
CA THR A 431 20.94 8.00 12.52
C THR A 431 21.35 7.97 11.04
N LEU A 432 20.50 8.55 10.19
CA LEU A 432 20.75 8.60 8.75
C LEU A 432 19.93 9.74 8.15
N VAL A 433 20.59 10.60 7.35
CA VAL A 433 19.94 11.73 6.70
C VAL A 433 19.44 11.29 5.34
N GLN A 434 18.26 11.77 5.00
CA GLN A 434 17.61 11.47 3.74
C GLN A 434 17.57 12.77 2.95
N GLU A 435 17.95 12.71 1.66
CA GLU A 435 17.99 13.86 0.77
C GLU A 435 16.98 13.83 -0.36
N THR A 436 16.69 15.03 -0.84
CA THR A 436 15.84 15.33 -1.97
C THR A 436 16.05 16.80 -2.31
N PRO A 437 15.73 17.22 -3.53
CA PRO A 437 15.93 18.64 -3.85
C PRO A 437 15.06 19.56 -3.00
N HIS A 438 13.85 19.10 -2.65
CA HIS A 438 12.87 19.90 -1.92
C HIS A 438 13.10 19.98 -0.41
N ALA A 439 13.48 18.88 0.22
CA ALA A 439 13.65 18.88 1.66
C ALA A 439 14.71 17.87 2.09
N LYS A 440 15.03 17.89 3.37
CA LYS A 440 15.99 16.99 3.97
C LYS A 440 15.30 16.36 5.16
N GLY A 441 15.69 15.13 5.46
CA GLY A 441 15.08 14.43 6.59
C GLY A 441 16.12 13.62 7.33
N LEU A 442 15.69 13.13 8.49
CA LEU A 442 16.58 12.34 9.33
C LEU A 442 15.84 11.19 10.00
N ARG A 443 16.50 10.04 10.05
CA ARG A 443 16.00 8.83 10.71
C ARG A 443 16.86 8.58 11.94
N GLU A 444 16.21 8.41 13.09
CA GLU A 444 16.86 8.09 14.36
C GLU A 444 16.06 6.89 14.84
N ASN A 445 16.57 5.68 14.57
CA ASN A 445 15.87 4.43 14.86
C ASN A 445 14.54 4.50 14.12
N SER A 446 13.40 4.28 14.78
CA SER A 446 12.13 4.34 14.07
C SER A 446 11.60 5.75 13.90
N TRP A 447 12.25 6.76 14.48
CA TRP A 447 11.78 8.13 14.32
C TRP A 447 12.13 8.68 12.95
N LYS A 448 11.19 9.41 12.36
CA LYS A 448 11.44 10.05 11.08
C LYS A 448 11.11 11.53 11.24
N TYR A 449 12.07 12.39 10.91
CA TYR A 449 11.87 13.83 10.99
C TYR A 449 12.09 14.43 9.59
N ILE A 450 11.19 15.30 9.18
CA ILE A 450 11.29 15.98 7.91
C ILE A 450 11.35 17.46 8.22
N ARG A 451 12.42 18.10 7.80
CA ARG A 451 12.61 19.52 8.06
C ARG A 451 11.63 20.35 7.24
N PRO A 452 11.04 21.38 7.83
CA PRO A 452 10.07 22.20 7.10
C PRO A 452 10.73 23.04 6.03
N THR A 453 9.98 23.29 4.96
CA THR A 453 10.43 24.08 3.82
C THR A 453 9.27 24.92 3.30
N GLU A 454 9.61 26.03 2.66
CA GLU A 454 8.58 26.89 2.09
C GLU A 454 8.45 26.64 0.59
N LYS A 455 9.37 25.87 0.02
CA LYS A 455 9.36 25.56 -1.41
C LYS A 455 8.05 24.89 -1.80
N ASP A 456 7.45 25.38 -2.88
CA ASP A 456 6.19 24.87 -3.41
C ASP A 456 6.54 23.95 -4.57
N VAL A 457 6.41 22.65 -4.37
CA VAL A 457 6.74 21.70 -5.41
C VAL A 457 5.49 20.88 -5.73
N ALA A 458 4.55 21.51 -6.43
CA ALA A 458 3.33 20.83 -6.82
C ALA A 458 3.50 19.92 -8.02
N TRP A 459 4.57 20.10 -8.81
CA TRP A 459 4.73 19.22 -9.96
C TRP A 459 4.90 17.78 -9.56
N VAL A 460 5.35 17.50 -8.34
CA VAL A 460 5.48 16.11 -7.94
C VAL A 460 4.11 15.47 -7.81
N LYS A 461 3.19 16.13 -7.08
CA LYS A 461 1.85 15.58 -6.90
C LYS A 461 1.07 15.56 -8.21
N ALA A 462 1.18 16.62 -9.01
CA ALA A 462 0.43 16.77 -10.26
C ALA A 462 0.92 15.81 -11.35
N LYS A 463 2.16 16.00 -11.79
CA LYS A 463 2.76 15.23 -12.87
C LYS A 463 3.22 13.84 -12.48
N LYS A 464 3.82 13.67 -11.30
CA LYS A 464 4.36 12.37 -10.91
C LYS A 464 3.45 11.53 -10.01
N ASN A 465 2.33 12.06 -9.52
CA ASN A 465 1.39 11.31 -8.67
C ASN A 465 2.06 10.82 -7.38
N ILE A 466 2.92 11.64 -6.82
CA ILE A 466 3.65 11.33 -5.60
C ILE A 466 3.60 12.53 -4.66
N ASP A 467 3.41 12.28 -3.38
CA ASP A 467 3.45 13.36 -2.41
C ASP A 467 4.93 13.65 -2.15
N PRO A 468 5.43 14.86 -2.43
CA PRO A 468 6.88 15.12 -2.23
C PRO A 468 7.27 15.17 -0.77
N GLY A 469 6.32 15.32 0.15
CA GLY A 469 6.58 15.36 1.57
C GLY A 469 6.92 16.71 2.14
N THR A 470 6.85 17.77 1.35
CA THR A 470 7.18 19.08 1.87
C THR A 470 6.05 19.60 2.74
N SER A 471 6.40 20.54 3.63
CA SER A 471 5.45 21.15 4.53
C SER A 471 6.08 22.36 5.17
N LYS A 472 5.28 23.41 5.40
CA LYS A 472 5.83 24.59 6.03
C LYS A 472 6.09 24.36 7.53
N ALA A 473 5.56 23.28 8.10
CA ALA A 473 5.67 22.88 9.50
C ALA A 473 6.50 21.60 9.66
N PRO A 474 7.27 21.49 10.74
CA PRO A 474 8.07 20.27 10.93
C PRO A 474 7.17 19.04 10.93
N GLN A 475 7.78 17.90 10.61
CA GLN A 475 7.07 16.62 10.57
C GLN A 475 7.89 15.62 11.35
N LEU A 476 7.20 14.81 12.17
CA LEU A 476 7.81 13.78 12.98
C LEU A 476 6.90 12.57 12.98
N PHE A 477 7.45 11.38 12.70
CA PHE A 477 6.64 10.17 12.68
C PHE A 477 7.33 9.02 13.42
N ASP A 478 6.50 8.15 13.99
CA ASP A 478 6.97 6.93 14.62
C ASP A 478 6.64 5.85 13.60
N LEU A 479 7.66 5.35 12.89
CA LEU A 479 7.39 4.36 11.85
C LEU A 479 6.94 3.00 12.39
N ASP A 480 7.09 2.72 13.70
CA ASP A 480 6.65 1.41 14.22
C ASP A 480 5.13 1.32 14.28
N THR A 481 4.46 2.42 14.59
CA THR A 481 3.01 2.48 14.67
C THR A 481 2.39 3.13 13.45
N ASP A 482 3.15 4.00 12.79
CA ASP A 482 2.72 4.75 11.62
C ASP A 482 3.74 4.53 10.52
N PRO A 483 3.79 3.32 9.94
CA PRO A 483 4.78 3.04 8.89
C PRO A 483 4.65 3.89 7.63
N SER A 484 3.46 4.37 7.30
CA SER A 484 3.27 5.14 6.08
C SER A 484 3.28 6.65 6.30
N GLU A 485 3.76 7.12 7.45
CA GLU A 485 3.89 8.55 7.75
C GLU A 485 2.60 9.33 7.56
N LEU A 486 1.55 8.88 8.22
CA LEU A 486 0.25 9.52 8.15
C LEU A 486 -0.12 10.31 9.40
N HIS A 487 0.59 10.14 10.51
CA HIS A 487 0.25 10.81 11.77
C HIS A 487 1.44 11.63 12.28
N ASN A 488 1.43 12.93 11.97
CA ASN A 488 2.50 13.83 12.37
C ASN A 488 2.51 14.04 13.88
N LEU A 489 3.66 13.80 14.49
CA LEU A 489 3.82 13.94 15.93
C LEU A 489 4.67 15.13 16.33
N ALA A 490 4.93 16.05 15.39
CA ALA A 490 5.80 17.18 15.66
C ALA A 490 5.32 17.96 16.87
N ALA A 491 4.01 18.24 16.95
CA ALA A 491 3.46 18.99 18.07
C ALA A 491 3.47 18.21 19.39
N LYS A 492 3.35 16.88 19.34
CA LYS A 492 3.35 16.06 20.56
C LYS A 492 4.75 15.92 21.18
N TYR A 493 5.80 15.98 20.37
CA TYR A 493 7.18 15.84 20.84
C TYR A 493 8.04 16.97 20.29
N PRO A 494 7.73 18.23 20.65
CA PRO A 494 8.53 19.36 20.12
C PRO A 494 10.00 19.32 20.48
N ASP A 495 10.40 18.69 21.59
CA ASP A 495 11.82 18.63 21.87
C ASP A 495 12.48 17.60 20.97
N LYS A 496 11.74 16.55 20.59
CA LYS A 496 12.29 15.56 19.68
C LYS A 496 12.58 16.19 18.32
N VAL A 497 11.65 17.01 17.83
CA VAL A 497 11.87 17.71 16.57
C VAL A 497 13.14 18.54 16.64
N LYS A 498 13.29 19.33 17.70
CA LYS A 498 14.48 20.17 17.86
C LYS A 498 15.75 19.32 17.91
N LEU A 499 15.74 18.24 18.71
CA LEU A 499 16.89 17.35 18.78
C LEU A 499 17.25 16.82 17.39
N LEU A 500 16.28 16.26 16.67
CA LEU A 500 16.59 15.72 15.36
C LEU A 500 17.03 16.84 14.41
N GLU A 501 16.39 18.01 14.48
CA GLU A 501 16.84 19.10 13.65
C GLU A 501 18.28 19.47 14.01
N GLN A 502 18.61 19.43 15.30
CA GLN A 502 19.97 19.74 15.70
C GLN A 502 20.94 18.70 15.15
N LYS A 503 20.60 17.40 15.27
CA LYS A 503 21.52 16.38 14.75
C LYS A 503 21.64 16.45 13.23
N LEU A 504 20.62 16.96 12.55
CA LEU A 504 20.73 17.11 11.11
C LEU A 504 21.70 18.24 10.78
N GLN A 505 21.75 19.27 11.62
CA GLN A 505 22.70 20.35 11.35
C GLN A 505 24.12 19.88 11.56
N ASP A 506 24.36 19.09 12.62
CA ASP A 506 25.70 18.58 12.86
C ASP A 506 26.22 17.84 11.65
N ILE A 507 25.41 16.91 11.12
CA ILE A 507 25.81 16.14 9.95
C ILE A 507 26.11 17.06 8.77
N GLU A 508 25.38 18.18 8.63
CA GLU A 508 25.66 19.08 7.52
C GLU A 508 27.00 19.79 7.73
N LEU A 509 27.33 20.12 8.98
CA LEU A 509 28.57 20.78 9.33
C LEU A 509 29.76 19.83 9.39
N GLN A 510 29.52 18.52 9.43
CA GLN A 510 30.61 17.56 9.47
C GLN A 510 31.47 17.69 8.22
N SER A 511 32.80 17.60 8.39
CA SER A 511 33.73 17.69 7.27
C SER A 511 34.85 16.66 7.31
N ILE A 512 34.87 15.74 8.28
CA ILE A 512 35.87 14.70 8.36
C ILE A 512 35.18 13.40 8.78
N ARG A 513 35.92 12.30 8.75
CA ARG A 513 35.34 11.01 9.09
C ARG A 513 34.96 10.91 10.57
N LEU A 514 34.27 9.81 10.90
CA LEU A 514 33.79 9.48 12.26
C LEU A 514 32.83 10.57 12.72
N LYS B 32 -26.50 9.31 30.99
CA LYS B 32 -27.18 8.58 29.91
C LYS B 32 -27.13 9.28 28.54
N PRO B 33 -25.98 9.32 27.90
CA PRO B 33 -25.87 9.99 26.61
C PRO B 33 -26.43 9.16 25.47
N ASN B 34 -26.79 9.87 24.39
CA ASN B 34 -27.28 9.21 23.20
C ASN B 34 -26.12 8.48 22.55
N ILE B 35 -26.41 7.35 21.91
CA ILE B 35 -25.36 6.58 21.24
C ILE B 35 -25.80 6.31 19.80
N VAL B 36 -25.05 6.85 18.85
CA VAL B 36 -25.31 6.67 17.42
C VAL B 36 -24.09 5.96 16.85
N LEU B 37 -24.30 4.76 16.32
CA LEU B 37 -23.26 3.91 15.78
C LEU B 37 -23.39 3.80 14.25
N PHE B 38 -22.41 4.35 13.53
CA PHE B 38 -22.38 4.27 12.08
C PHE B 38 -21.57 3.01 11.74
N TYR B 39 -22.18 2.10 10.98
CA TYR B 39 -21.53 0.85 10.61
C TYR B 39 -21.49 0.73 9.08
N VAL B 40 -20.33 1.02 8.50
CA VAL B 40 -20.16 0.96 7.06
C VAL B 40 -19.82 -0.47 6.63
N ASP B 41 -20.16 -0.78 5.37
CA ASP B 41 -19.95 -2.07 4.72
C ASP B 41 -18.65 -2.04 3.92
N ASP B 42 -17.68 -2.88 4.29
CA ASP B 42 -16.41 -3.01 3.55
C ASP B 42 -15.54 -1.75 3.53
N LEU B 43 -15.61 -0.89 4.54
CA LEU B 43 -14.80 0.33 4.56
C LEU B 43 -13.39 0.00 5.02
N GLY B 44 -12.42 0.24 4.14
CA GLY B 44 -11.05 -0.05 4.44
C GLY B 44 -10.39 0.97 5.33
N TRP B 45 -9.31 0.51 5.96
CA TRP B 45 -8.52 1.36 6.84
C TRP B 45 -8.17 2.71 6.19
N GLY B 46 -7.75 2.67 4.94
CA GLY B 46 -7.41 3.92 4.30
C GLY B 46 -8.46 4.49 3.37
N ASP B 47 -9.73 4.15 3.56
CA ASP B 47 -10.73 4.68 2.63
C ASP B 47 -11.19 6.07 2.98
N LEU B 48 -10.86 6.58 4.15
CA LEU B 48 -11.25 7.93 4.55
C LEU B 48 -10.06 8.86 4.37
N SER B 49 -10.34 10.12 4.08
CA SER B 49 -9.21 11.02 3.96
C SER B 49 -8.52 11.24 5.31
N SER B 50 -9.24 11.10 6.44
CA SER B 50 -8.52 11.25 7.72
C SER B 50 -7.60 10.07 8.02
N TYR B 51 -7.60 9.05 7.17
CA TYR B 51 -6.70 7.93 7.30
C TYR B 51 -5.69 7.94 6.15
N GLY B 52 -5.60 9.05 5.41
CA GLY B 52 -4.64 9.19 4.34
C GLY B 52 -5.13 9.15 2.92
N ALA B 53 -6.41 8.89 2.67
CA ALA B 53 -6.90 8.84 1.30
C ALA B 53 -6.75 10.21 0.62
N THR B 54 -6.28 10.19 -0.63
CA THR B 54 -6.14 11.41 -1.43
C THR B 54 -7.07 11.44 -2.62
N GLU B 55 -7.48 10.30 -3.15
CA GLU B 55 -8.37 10.23 -4.30
C GLU B 55 -9.84 10.40 -3.92
N VAL B 56 -10.15 10.52 -2.62
CA VAL B 56 -11.51 10.69 -2.18
C VAL B 56 -11.50 11.59 -0.95
N ASN B 57 -12.56 12.36 -0.81
CA ASN B 57 -12.70 13.29 0.29
C ASN B 57 -13.90 12.91 1.13
N THR B 58 -13.69 12.84 2.45
CA THR B 58 -14.72 12.49 3.41
C THR B 58 -14.71 13.59 4.46
N PRO B 59 -15.10 14.81 4.06
CA PRO B 59 -15.07 15.95 5.02
C PRO B 59 -15.91 15.74 6.27
N ASN B 60 -17.14 15.26 6.13
CA ASN B 60 -17.99 15.07 7.29
C ASN B 60 -17.42 14.07 8.27
N ILE B 61 -16.94 12.91 7.77
CA ILE B 61 -16.39 11.92 8.68
C ILE B 61 -15.08 12.40 9.28
N ASP B 62 -14.26 13.11 8.51
CA ASP B 62 -13.00 13.63 9.03
C ASP B 62 -13.25 14.60 10.19
N ALA B 63 -14.33 15.38 10.09
CA ALA B 63 -14.66 16.35 11.14
C ALA B 63 -14.86 15.64 12.48
N LEU B 64 -15.39 14.41 12.45
CA LEU B 64 -15.56 13.65 13.68
C LEU B 64 -14.21 13.21 14.22
N ALA B 65 -13.26 12.92 13.33
CA ALA B 65 -11.94 12.50 13.79
C ALA B 65 -11.18 13.67 14.41
N LYS B 66 -11.32 14.87 13.83
CA LYS B 66 -10.60 16.02 14.38
C LYS B 66 -11.12 16.40 15.75
N ASN B 67 -12.38 16.08 16.05
CA ASN B 67 -12.99 16.39 17.33
C ASN B 67 -13.12 15.19 18.25
N GLY B 68 -12.61 14.03 17.87
CA GLY B 68 -12.69 12.85 18.71
C GLY B 68 -11.42 12.04 18.57
N ILE B 69 -11.49 10.73 18.86
CA ILE B 69 -10.33 9.87 18.75
C ILE B 69 -10.39 9.04 17.48
N ARG B 70 -9.27 9.01 16.77
CA ARG B 70 -9.04 8.23 15.57
C ARG B 70 -8.20 7.03 15.99
N PHE B 71 -8.71 5.82 15.80
CA PHE B 71 -7.99 4.60 16.18
C PHE B 71 -7.28 4.00 14.98
N THR B 72 -6.01 3.63 15.15
CA THR B 72 -5.20 3.06 14.09
C THR B 72 -5.00 1.56 14.20
N ASP B 73 -5.40 0.94 15.31
CA ASP B 73 -5.26 -0.48 15.53
C ASP B 73 -6.54 -1.05 16.11
N ALA B 74 -7.69 -0.59 15.60
CA ALA B 74 -8.99 -1.07 16.03
C ALA B 74 -9.47 -2.14 15.06
N HIS B 75 -10.15 -3.16 15.58
CA HIS B 75 -10.53 -4.23 14.67
C HIS B 75 -11.94 -4.75 14.83
N SER B 76 -12.53 -5.11 13.70
CA SER B 76 -13.81 -5.77 13.73
C SER B 76 -13.50 -7.20 14.18
N SER B 77 -14.51 -7.93 14.60
CA SER B 77 -14.19 -9.28 15.04
C SER B 77 -13.86 -10.21 13.88
N ALA B 78 -14.41 -9.96 12.69
CA ALA B 78 -14.14 -10.86 11.57
C ALA B 78 -13.93 -10.08 10.29
N ALA B 79 -13.51 -10.81 9.25
CA ALA B 79 -13.26 -10.24 7.94
C ALA B 79 -14.46 -10.32 7.00
N THR B 80 -15.66 -10.56 7.53
CA THR B 80 -16.89 -10.66 6.75
C THR B 80 -18.04 -10.11 7.57
N SER B 81 -19.12 -9.74 6.88
CA SER B 81 -20.28 -9.07 7.46
C SER B 81 -20.97 -9.72 8.66
N SER B 82 -21.82 -10.74 8.41
CA SER B 82 -22.57 -11.42 9.46
C SER B 82 -21.74 -11.79 10.69
N PRO B 83 -20.54 -12.39 10.56
CA PRO B 83 -19.76 -12.70 11.78
C PRO B 83 -19.45 -11.46 12.60
N SER B 84 -19.05 -10.36 11.94
CA SER B 84 -18.71 -9.12 12.66
C SER B 84 -19.93 -8.49 13.31
N ARG B 85 -21.07 -8.47 12.61
CA ARG B 85 -22.28 -7.88 13.15
C ARG B 85 -22.72 -8.63 14.41
N TYR B 86 -22.69 -9.97 14.35
CA TYR B 86 -23.03 -10.79 15.51
C TYR B 86 -22.19 -10.40 16.72
N SER B 87 -20.87 -10.29 16.53
CA SER B 87 -19.98 -9.91 17.62
C SER B 87 -20.26 -8.50 18.09
N LEU B 88 -20.64 -7.59 17.19
CA LEU B 88 -20.90 -6.21 17.60
C LEU B 88 -22.07 -6.13 18.59
N LEU B 89 -23.13 -6.90 18.36
CA LEU B 89 -24.31 -6.85 19.21
C LEU B 89 -24.33 -7.88 20.33
N THR B 90 -23.60 -9.00 20.21
CA THR B 90 -23.61 -9.99 21.28
C THR B 90 -22.39 -9.93 22.18
N GLY B 91 -21.34 -9.21 21.80
CA GLY B 91 -20.19 -9.12 22.66
C GLY B 91 -19.40 -10.41 22.80
N GLU B 92 -19.42 -11.26 21.77
CA GLU B 92 -18.69 -12.52 21.81
C GLU B 92 -18.26 -12.87 20.38
N HIS B 93 -17.19 -13.65 20.29
CA HIS B 93 -16.64 -14.05 19.00
C HIS B 93 -17.69 -14.78 18.17
N ALA B 94 -17.61 -14.60 16.84
CA ALA B 94 -18.60 -15.26 15.97
C ALA B 94 -18.37 -16.76 15.83
N PHE B 95 -17.14 -17.25 16.02
CA PHE B 95 -16.93 -18.67 15.86
C PHE B 95 -17.67 -19.49 16.91
N ARG B 96 -18.10 -18.86 18.01
CA ARG B 96 -18.83 -19.55 19.06
C ARG B 96 -20.16 -20.11 18.57
N LYS B 97 -20.69 -19.60 17.46
CA LYS B 97 -21.93 -20.09 16.89
C LYS B 97 -21.73 -20.40 15.43
N ASN B 98 -20.47 -20.46 14.98
CA ASN B 98 -20.09 -20.74 13.60
C ASN B 98 -20.86 -19.85 12.64
N ILE B 99 -20.80 -18.55 12.87
CA ILE B 99 -21.49 -17.61 12.00
C ILE B 99 -20.61 -17.38 10.76
N ARG B 100 -21.18 -17.59 9.58
CA ARG B 100 -20.56 -17.35 8.28
C ARG B 100 -21.44 -16.32 7.54
N ILE B 101 -20.99 -15.89 6.35
CA ILE B 101 -21.79 -14.94 5.56
C ILE B 101 -23.16 -15.57 5.34
N LEU B 102 -24.22 -14.83 5.67
CA LEU B 102 -25.58 -15.36 5.59
C LEU B 102 -26.27 -15.10 4.26
N LYS B 103 -26.98 -16.14 3.78
CA LYS B 103 -27.76 -16.05 2.57
C LYS B 103 -28.92 -15.10 2.84
N GLY B 104 -29.68 -14.76 1.80
CA GLY B 104 -30.77 -13.82 1.98
C GLY B 104 -31.92 -14.29 2.86
N ASP B 105 -32.18 -15.60 2.90
CA ASP B 105 -33.28 -16.15 3.69
C ASP B 105 -32.84 -16.86 4.95
N ALA B 106 -31.61 -16.67 5.37
CA ALA B 106 -31.11 -17.33 6.55
C ALA B 106 -31.93 -16.98 7.79
N PRO B 107 -32.04 -17.92 8.73
CA PRO B 107 -32.74 -17.63 9.99
C PRO B 107 -31.87 -16.77 10.88
N LEU B 108 -32.52 -16.08 11.82
CA LEU B 108 -31.81 -15.20 12.73
C LEU B 108 -30.77 -15.97 13.54
N VAL B 109 -29.55 -15.42 13.64
CA VAL B 109 -28.50 -16.11 14.37
C VAL B 109 -28.38 -15.65 15.82
N ILE B 110 -29.13 -14.66 16.25
CA ILE B 110 -29.11 -14.20 17.64
C ILE B 110 -30.34 -14.77 18.32
N SER B 111 -30.13 -15.55 19.38
CA SER B 111 -31.23 -16.16 20.11
C SER B 111 -32.15 -15.08 20.70
N GLU B 112 -33.44 -15.41 20.80
CA GLU B 112 -34.36 -14.44 21.36
C GLU B 112 -34.13 -14.23 22.85
N VAL B 113 -33.46 -15.17 23.52
CA VAL B 113 -33.18 -15.03 24.95
C VAL B 113 -31.74 -14.66 25.21
N GLN B 114 -30.97 -14.42 24.15
CA GLN B 114 -29.57 -14.05 24.24
C GLN B 114 -29.40 -12.58 24.57
N LYS B 115 -28.52 -12.30 25.51
CA LYS B 115 -28.26 -10.91 25.88
C LYS B 115 -27.55 -10.21 24.73
N THR B 116 -28.00 -8.98 24.42
CA THR B 116 -27.40 -8.22 23.35
C THR B 116 -27.21 -6.77 23.78
N LEU B 117 -26.32 -6.08 23.09
CA LEU B 117 -26.05 -4.68 23.37
C LEU B 117 -27.33 -3.83 23.34
N PRO B 118 -28.20 -3.91 22.30
CA PRO B 118 -29.44 -3.11 22.36
C PRO B 118 -30.34 -3.49 23.53
N LYS B 119 -30.44 -4.78 23.88
CA LYS B 119 -31.24 -5.16 25.04
C LYS B 119 -30.69 -4.50 26.29
N MET B 120 -29.40 -4.67 26.53
CA MET B 120 -28.76 -4.06 27.67
C MET B 120 -29.10 -2.57 27.78
N LEU B 121 -29.11 -1.86 26.65
CA LEU B 121 -29.43 -0.43 26.68
C LEU B 121 -30.92 -0.21 26.92
N GLN B 122 -31.75 -1.18 26.53
CA GLN B 122 -33.18 -1.06 26.78
C GLN B 122 -33.45 -1.04 28.28
N THR B 123 -32.75 -1.90 29.05
CA THR B 123 -32.92 -1.92 30.50
C THR B 123 -32.41 -0.59 31.22
N VAL B 124 -32.05 0.51 30.56
CA VAL B 124 -31.63 1.72 31.25
C VAL B 124 -32.41 2.88 30.65
N GLY B 125 -33.54 2.55 30.00
CA GLY B 125 -34.41 3.55 29.42
C GLY B 125 -34.07 4.05 28.04
N TYR B 126 -33.24 3.34 27.31
CA TYR B 126 -32.87 3.79 25.98
C TYR B 126 -33.86 3.30 24.94
N ARG B 127 -34.21 4.18 24.03
CA ARG B 127 -35.01 3.80 22.89
C ARG B 127 -33.97 3.31 21.89
N THR B 128 -34.18 2.12 21.32
CA THR B 128 -33.19 1.55 20.40
C THR B 128 -33.77 1.33 19.01
N GLY B 129 -33.00 1.71 17.99
CA GLY B 129 -33.44 1.50 16.62
C GLY B 129 -32.27 1.18 15.71
N ILE B 130 -32.59 0.60 14.55
CA ILE B 130 -31.62 0.26 13.53
C ILE B 130 -32.19 0.66 12.18
N VAL B 131 -31.35 1.25 11.34
CA VAL B 131 -31.71 1.64 9.99
C VAL B 131 -30.57 1.17 9.09
N GLY B 132 -30.90 0.35 8.07
CA GLY B 132 -29.90 -0.10 7.13
C GLY B 132 -29.76 -1.62 7.07
N LYS B 133 -28.58 -2.05 6.64
CA LYS B 133 -28.22 -3.45 6.49
C LYS B 133 -28.34 -4.25 7.78
N TRP B 134 -28.99 -5.42 7.69
CA TRP B 134 -29.17 -6.33 8.82
C TRP B 134 -28.15 -7.46 8.70
N HIS B 135 -28.40 -8.41 7.80
CA HIS B 135 -27.50 -9.54 7.52
C HIS B 135 -27.24 -10.40 8.76
N LEU B 136 -28.27 -10.55 9.58
CA LEU B 136 -28.20 -11.38 10.78
C LEU B 136 -29.28 -12.46 10.78
N GLY B 137 -29.97 -12.65 9.66
CA GLY B 137 -31.01 -13.65 9.53
C GLY B 137 -32.36 -13.15 10.02
N LEU B 138 -33.42 -13.79 9.53
CA LEU B 138 -34.75 -13.32 9.94
C LEU B 138 -35.74 -14.42 10.31
N GLY B 139 -35.66 -15.63 9.79
CA GLY B 139 -36.62 -16.62 10.19
C GLY B 139 -36.37 -17.21 11.57
N ASP B 140 -37.28 -18.09 11.97
CA ASP B 140 -37.09 -18.77 13.24
C ASP B 140 -36.34 -20.09 13.05
N GLY B 141 -36.08 -20.49 11.80
CA GLY B 141 -35.37 -21.69 11.51
C GLY B 141 -36.23 -22.91 11.24
N ASN B 142 -37.50 -22.90 11.68
CA ASN B 142 -38.36 -24.06 11.43
C ASN B 142 -39.06 -23.94 10.09
N THR B 143 -39.46 -22.73 9.73
CA THR B 143 -40.13 -22.47 8.48
C THR B 143 -39.41 -21.35 7.76
N PRO B 144 -39.25 -21.44 6.44
CA PRO B 144 -38.61 -20.36 5.69
C PRO B 144 -39.41 -19.08 5.85
N VAL B 145 -38.71 -17.95 5.92
CA VAL B 145 -39.40 -16.67 6.09
C VAL B 145 -40.44 -16.47 5.01
N ASN B 146 -41.65 -16.18 5.43
CA ASN B 146 -42.72 -15.87 4.50
C ASN B 146 -42.76 -14.36 4.49
N TRP B 147 -42.24 -13.77 3.42
CA TRP B 147 -42.19 -12.32 3.27
C TRP B 147 -43.56 -11.69 3.15
N ASN B 148 -44.62 -12.48 2.97
CA ASN B 148 -45.95 -11.93 2.83
C ASN B 148 -46.69 -11.82 4.14
N GLU B 149 -46.11 -12.32 5.21
CA GLU B 149 -46.66 -12.26 6.54
C GLU B 149 -45.66 -11.51 7.41
N LYS B 150 -45.96 -11.42 8.70
CA LYS B 150 -45.05 -10.74 9.60
C LYS B 150 -43.78 -11.58 9.74
N VAL B 151 -42.62 -10.91 9.66
CA VAL B 151 -41.32 -11.56 9.71
C VAL B 151 -40.81 -11.51 11.15
N LYS B 152 -40.83 -12.67 11.81
CA LYS B 152 -40.38 -12.82 13.20
C LYS B 152 -39.63 -14.14 13.33
N PRO B 153 -38.57 -14.19 14.15
CA PRO B 153 -38.05 -13.05 14.91
C PRO B 153 -37.09 -12.18 14.08
N GLY B 154 -37.11 -10.87 14.31
CA GLY B 154 -36.25 -9.94 13.62
C GLY B 154 -35.55 -9.05 14.62
N PRO B 155 -35.15 -7.84 14.19
CA PRO B 155 -34.47 -6.95 15.13
C PRO B 155 -35.31 -6.61 16.36
N LEU B 156 -36.64 -6.66 16.22
CA LEU B 156 -37.49 -6.30 17.36
C LEU B 156 -37.43 -7.33 18.48
N GLU B 157 -36.98 -8.56 18.21
CA GLU B 157 -36.89 -9.61 19.21
C GLU B 157 -35.52 -9.77 19.86
N VAL B 158 -34.52 -8.98 19.44
CA VAL B 158 -33.18 -9.09 20.00
C VAL B 158 -32.74 -7.75 20.59
N GLY B 159 -33.70 -6.91 20.99
CA GLY B 159 -33.37 -5.66 21.65
C GLY B 159 -33.64 -4.36 20.91
N PHE B 160 -34.27 -4.38 19.75
CA PHE B 160 -34.55 -3.16 19.02
C PHE B 160 -36.03 -2.83 19.11
N ASP B 161 -36.34 -1.53 19.23
CA ASP B 161 -37.69 -0.97 19.26
C ASP B 161 -38.18 -0.58 17.88
N TYR B 162 -37.29 -0.04 17.05
CA TYR B 162 -37.61 0.36 15.68
C TYR B 162 -36.59 -0.26 14.75
N SER B 163 -37.02 -0.53 13.52
CA SER B 163 -36.11 -1.13 12.55
C SER B 163 -36.56 -0.85 11.13
N PHE B 164 -35.68 -0.27 10.33
CA PHE B 164 -35.89 -0.03 8.90
C PHE B 164 -34.71 -0.79 8.31
N LEU B 165 -34.99 -1.87 7.61
CA LEU B 165 -33.90 -2.72 7.17
C LEU B 165 -33.80 -3.09 5.71
N ILE B 166 -32.55 -3.39 5.38
CA ILE B 166 -32.14 -4.06 4.16
C ILE B 166 -31.98 -5.51 4.63
N PRO B 167 -32.89 -6.42 4.29
CA PRO B 167 -32.84 -7.78 4.84
C PRO B 167 -31.47 -8.46 4.91
N ALA B 168 -30.85 -8.73 3.76
CA ALA B 168 -29.55 -9.39 3.75
C ALA B 168 -28.44 -8.42 3.39
N THR B 169 -28.25 -8.23 2.09
CA THR B 169 -27.24 -7.36 1.51
C THR B 169 -27.81 -6.75 0.24
N GLY B 170 -27.18 -5.66 -0.21
CA GLY B 170 -27.65 -5.02 -1.42
C GLY B 170 -27.67 -5.92 -2.64
N ASP B 171 -26.83 -6.96 -2.65
CA ASP B 171 -26.77 -7.87 -3.79
C ASP B 171 -27.53 -9.18 -3.58
N ARG B 172 -28.25 -9.35 -2.47
CA ARG B 172 -29.01 -10.57 -2.25
C ARG B 172 -30.51 -10.29 -2.20
N VAL B 173 -31.27 -11.10 -2.94
CA VAL B 173 -32.73 -10.95 -2.92
C VAL B 173 -33.18 -11.35 -1.52
N PRO B 174 -34.27 -10.77 -0.98
CA PRO B 174 -35.12 -9.77 -1.65
C PRO B 174 -34.59 -8.36 -1.62
N SER B 175 -34.82 -7.67 -2.73
CA SER B 175 -34.45 -6.26 -2.92
C SER B 175 -35.59 -5.37 -2.44
N VAL B 176 -36.00 -5.56 -1.19
CA VAL B 176 -37.09 -4.79 -0.62
C VAL B 176 -36.67 -4.31 0.77
N PHE B 177 -37.50 -3.46 1.35
CA PHE B 177 -37.24 -2.89 2.66
C PHE B 177 -38.12 -3.58 3.69
N LEU B 178 -37.59 -3.77 4.89
CA LEU B 178 -38.33 -4.41 5.97
C LEU B 178 -38.38 -3.45 7.14
N GLU B 179 -39.59 -2.96 7.47
CA GLU B 179 -39.78 -2.02 8.59
C GLU B 179 -40.48 -2.80 9.72
N ASN B 180 -39.74 -3.03 10.80
CA ASN B 180 -40.25 -3.75 11.97
C ASN B 180 -40.58 -5.20 11.59
N HIS B 181 -41.84 -5.49 11.28
CA HIS B 181 -42.21 -6.86 10.93
C HIS B 181 -42.80 -7.02 9.53
N ASP B 182 -43.06 -5.91 8.81
CA ASP B 182 -43.65 -5.98 7.49
C ASP B 182 -42.75 -5.43 6.39
N VAL B 183 -42.95 -5.96 5.19
CA VAL B 183 -42.25 -5.49 4.01
C VAL B 183 -42.87 -4.16 3.62
N VAL B 184 -42.05 -3.17 3.29
CA VAL B 184 -42.61 -1.87 2.94
C VAL B 184 -43.19 -1.87 1.53
N ASN B 185 -44.38 -1.25 1.39
CA ASN B 185 -45.09 -1.11 0.11
C ASN B 185 -45.40 -2.43 -0.55
N LEU B 186 -45.66 -3.46 0.26
CA LEU B 186 -46.00 -4.77 -0.25
C LEU B 186 -47.50 -4.81 -0.51
N GLU B 187 -47.89 -5.26 -1.71
CA GLU B 187 -49.29 -5.38 -2.11
C GLU B 187 -49.71 -6.84 -2.05
N LYS B 188 -50.81 -7.12 -1.35
CA LYS B 188 -51.29 -8.50 -1.30
C LYS B 188 -51.62 -9.01 -2.70
N SER B 189 -51.94 -8.10 -3.62
CA SER B 189 -52.22 -8.50 -5.00
C SER B 189 -50.99 -9.01 -5.74
N ASP B 190 -49.80 -8.86 -5.17
CA ASP B 190 -48.54 -9.30 -5.79
C ASP B 190 -47.63 -9.85 -4.70
N PRO B 191 -47.91 -11.06 -4.23
CA PRO B 191 -47.09 -11.64 -3.15
C PRO B 191 -45.63 -11.81 -3.57
N LEU B 192 -44.75 -11.70 -2.59
CA LEU B 192 -43.31 -11.78 -2.79
C LEU B 192 -42.73 -13.12 -2.35
N PHE B 193 -41.85 -13.67 -3.17
CA PHE B 193 -41.18 -14.93 -2.90
C PHE B 193 -39.75 -14.84 -3.40
N VAL B 194 -38.85 -15.53 -2.71
CA VAL B 194 -37.45 -15.61 -3.07
C VAL B 194 -37.08 -17.08 -3.15
N ASN B 195 -36.07 -17.38 -3.97
CA ASN B 195 -35.58 -18.75 -4.13
C ASN B 195 -34.12 -18.62 -4.52
N TYR B 196 -33.24 -19.30 -3.79
CA TYR B 196 -31.82 -19.23 -4.07
C TYR B 196 -31.30 -20.44 -4.82
N GLN B 197 -32.14 -21.46 -5.05
CA GLN B 197 -31.71 -22.65 -5.76
C GLN B 197 -32.08 -22.65 -7.24
N LYS B 198 -33.30 -22.20 -7.58
CA LYS B 198 -33.77 -22.18 -8.96
C LYS B 198 -34.62 -20.94 -9.20
N LYS B 199 -34.72 -20.55 -10.48
CA LYS B 199 -35.50 -19.39 -10.86
C LYS B 199 -36.97 -19.57 -10.53
N ILE B 200 -37.59 -18.48 -10.08
CA ILE B 200 -39.01 -18.42 -9.76
C ILE B 200 -39.52 -17.05 -10.16
N GLY B 201 -40.71 -17.01 -10.72
CA GLY B 201 -41.29 -15.74 -11.13
C GLY B 201 -40.95 -15.44 -12.57
N GLN B 202 -41.25 -14.20 -12.97
CA GLN B 202 -41.04 -13.77 -14.35
C GLN B 202 -40.00 -12.65 -14.51
N ARG B 203 -39.24 -12.32 -13.47
CA ARG B 203 -38.31 -11.22 -13.62
C ARG B 203 -37.13 -11.54 -14.54
N PRO B 204 -36.67 -10.55 -15.30
CA PRO B 204 -35.51 -10.77 -16.17
C PRO B 204 -34.27 -11.09 -15.34
N THR B 205 -33.35 -11.86 -15.92
CA THR B 205 -32.15 -12.25 -15.20
C THR B 205 -30.91 -11.75 -15.94
N GLY B 206 -29.78 -11.77 -15.23
CA GLY B 206 -28.54 -11.33 -15.85
C GLY B 206 -28.02 -12.33 -16.85
N TYR B 207 -28.19 -13.64 -16.56
CA TYR B 207 -27.71 -14.69 -17.46
C TYR B 207 -28.59 -14.82 -18.69
N GLU B 208 -29.73 -14.16 -18.71
CA GLU B 208 -30.65 -14.17 -19.82
C GLU B 208 -30.76 -12.83 -20.50
N ASN B 209 -30.67 -11.73 -19.76
CA ASN B 209 -30.82 -10.39 -20.33
C ASN B 209 -29.63 -9.49 -20.04
N PRO B 210 -28.43 -9.88 -20.48
CA PRO B 210 -27.25 -9.03 -20.21
C PRO B 210 -27.40 -7.60 -20.69
N GLU B 211 -28.09 -7.38 -21.82
CA GLU B 211 -28.27 -6.04 -22.36
C GLU B 211 -29.04 -5.10 -21.44
N LEU B 212 -29.66 -5.61 -20.37
CA LEU B 212 -30.44 -4.79 -19.44
C LEU B 212 -29.63 -4.31 -18.23
N LEU B 213 -28.46 -4.87 -17.99
CA LEU B 213 -27.65 -4.54 -16.83
C LEU B 213 -26.89 -3.23 -16.92
N LYS B 214 -26.82 -2.51 -15.79
CA LYS B 214 -26.04 -1.30 -15.66
C LYS B 214 -24.57 -1.64 -15.42
N GLN B 215 -24.31 -2.86 -14.98
CA GLN B 215 -22.98 -3.36 -14.67
C GLN B 215 -22.97 -4.87 -14.88
N GLY B 216 -21.87 -5.39 -15.41
CA GLY B 216 -21.76 -6.83 -15.58
C GLY B 216 -21.69 -7.54 -14.24
N ALA B 217 -22.10 -8.80 -14.22
CA ALA B 217 -22.11 -9.55 -12.98
C ALA B 217 -21.50 -10.93 -13.16
N ASP B 218 -20.78 -11.40 -12.14
CA ASP B 218 -20.21 -12.75 -12.20
C ASP B 218 -21.35 -13.79 -12.06
N GLU B 219 -21.00 -15.08 -12.11
CA GLU B 219 -22.01 -16.15 -12.05
C GLU B 219 -22.87 -16.08 -10.79
N GLN B 220 -22.28 -15.75 -9.64
CA GLN B 220 -23.10 -15.70 -8.45
C GLN B 220 -24.06 -14.51 -8.42
N HIS B 221 -23.74 -13.42 -9.12
CA HIS B 221 -24.56 -12.20 -9.12
C HIS B 221 -25.37 -11.96 -10.41
N ASN B 222 -25.61 -12.97 -11.25
CA ASN B 222 -26.32 -12.76 -12.52
C ASN B 222 -27.77 -13.23 -12.52
N LYS B 223 -28.45 -13.27 -11.38
CA LYS B 223 -29.83 -13.74 -11.38
C LYS B 223 -30.85 -12.62 -11.62
N SER B 224 -31.89 -12.55 -10.79
CA SER B 224 -32.95 -11.55 -10.97
C SER B 224 -32.40 -10.14 -11.09
N ILE B 225 -32.93 -9.41 -12.06
CA ILE B 225 -32.58 -8.02 -12.28
C ILE B 225 -33.60 -7.15 -11.57
N ILE B 226 -33.11 -6.23 -10.73
CA ILE B 226 -33.94 -5.27 -10.02
C ILE B 226 -33.28 -3.92 -10.22
N ASN B 227 -34.02 -2.96 -10.79
CA ASN B 227 -33.46 -1.64 -11.00
C ASN B 227 -32.21 -1.69 -11.89
N GLY B 228 -32.24 -2.62 -12.85
CA GLY B 228 -31.18 -2.77 -13.82
C GLY B 228 -29.91 -3.44 -13.38
N VAL B 229 -29.92 -4.13 -12.25
CA VAL B 229 -28.74 -4.78 -11.72
C VAL B 229 -29.14 -6.18 -11.25
N SER B 230 -28.45 -7.19 -11.75
CA SER B 230 -28.76 -8.56 -11.34
C SER B 230 -28.30 -8.78 -9.90
N ARG B 231 -28.95 -9.72 -9.24
CA ARG B 231 -28.63 -10.01 -7.85
C ARG B 231 -28.38 -11.49 -7.66
N ILE B 232 -28.08 -11.84 -6.42
CA ILE B 232 -27.90 -13.22 -6.00
C ILE B 232 -29.30 -13.68 -5.59
N GLY B 233 -29.74 -14.83 -6.08
CA GLY B 233 -31.06 -15.32 -5.78
C GLY B 233 -32.11 -14.80 -6.76
N TRP B 234 -33.26 -15.45 -6.74
CA TRP B 234 -34.36 -15.09 -7.64
C TRP B 234 -35.52 -14.48 -6.86
N MET B 235 -36.08 -13.41 -7.40
CA MET B 235 -37.19 -12.72 -6.77
C MET B 235 -38.45 -12.82 -7.64
N GLN B 236 -39.55 -13.20 -7.02
CA GLN B 236 -40.84 -13.36 -7.68
C GLN B 236 -41.85 -12.42 -7.03
N GLY B 237 -42.47 -11.54 -7.83
CA GLY B 237 -43.46 -10.64 -7.28
C GLY B 237 -42.90 -9.48 -6.46
N GLY B 238 -43.80 -8.88 -5.69
CA GLY B 238 -43.46 -7.76 -4.83
C GLY B 238 -42.86 -6.58 -5.55
N GLU B 239 -43.32 -6.30 -6.77
CA GLU B 239 -42.77 -5.19 -7.54
C GLU B 239 -42.95 -3.85 -6.84
N SER B 240 -44.15 -3.60 -6.28
CA SER B 240 -44.42 -2.35 -5.59
C SER B 240 -43.49 -2.11 -4.41
N ALA B 241 -42.88 -3.16 -3.88
CA ALA B 241 -42.00 -3.06 -2.73
C ALA B 241 -40.53 -2.97 -3.10
N GLU B 242 -40.19 -3.09 -4.39
CA GLU B 242 -38.79 -3.00 -4.82
C GLU B 242 -38.18 -1.71 -4.35
N TRP B 243 -36.90 -1.76 -4.02
CA TRP B 243 -36.19 -0.58 -3.57
C TRP B 243 -35.56 0.09 -4.77
N HIS B 244 -34.95 1.26 -4.55
CA HIS B 244 -34.24 1.99 -5.60
C HIS B 244 -32.87 2.31 -4.99
N ASP B 245 -31.88 1.51 -5.38
CA ASP B 245 -30.51 1.64 -4.88
C ASP B 245 -29.97 3.06 -4.80
N GLU B 246 -30.03 3.79 -5.92
CA GLU B 246 -29.51 5.14 -6.02
C GLU B 246 -30.14 6.13 -5.04
N THR B 247 -31.25 5.80 -4.38
CA THR B 247 -31.79 6.73 -3.40
C THR B 247 -31.67 6.17 -1.99
N PHE B 248 -30.82 5.14 -1.80
CA PHE B 248 -30.59 4.59 -0.47
C PHE B 248 -30.16 5.70 0.50
N ASN B 249 -29.30 6.61 0.02
CA ASN B 249 -28.81 7.70 0.85
C ASN B 249 -29.93 8.58 1.38
N ILE B 250 -30.98 8.77 0.58
CA ILE B 250 -32.08 9.60 1.01
C ILE B 250 -33.03 8.83 1.90
N VAL B 251 -33.40 7.62 1.49
CA VAL B 251 -34.31 6.78 2.29
C VAL B 251 -33.72 6.49 3.67
N THR B 252 -32.44 6.09 3.71
CA THR B 252 -31.86 5.76 5.02
C THR B 252 -31.64 6.99 5.89
N SER B 253 -31.16 8.08 5.31
CA SER B 253 -30.93 9.27 6.13
C SER B 253 -32.26 9.85 6.61
N ASP B 254 -33.33 9.73 5.81
CA ASP B 254 -34.64 10.24 6.25
C ASP B 254 -35.16 9.42 7.43
N LYS B 255 -35.11 8.07 7.31
CA LYS B 255 -35.56 7.20 8.39
C LYS B 255 -34.76 7.46 9.65
N ALA B 256 -33.45 7.65 9.52
CA ALA B 256 -32.62 7.93 10.67
C ALA B 256 -32.97 9.28 11.28
N LYS B 257 -33.32 10.25 10.43
CA LYS B 257 -33.68 11.57 10.94
C LYS B 257 -35.01 11.51 11.67
N GLN B 258 -35.99 10.75 11.14
CA GLN B 258 -37.26 10.61 11.84
C GLN B 258 -37.01 10.04 13.23
N PHE B 259 -36.37 8.87 13.27
CA PHE B 259 -36.09 8.19 14.53
C PHE B 259 -35.36 9.11 15.52
N ILE B 260 -34.38 9.88 15.04
CA ILE B 260 -33.67 10.78 15.96
C ILE B 260 -34.59 11.88 16.45
N SER B 261 -35.33 12.49 15.52
CA SER B 261 -36.24 13.57 15.85
C SER B 261 -37.24 13.13 16.91
N GLU B 262 -37.80 11.92 16.77
CA GLU B 262 -38.80 11.43 17.70
C GLU B 262 -38.22 11.09 19.08
N SER B 263 -37.07 10.42 19.13
CA SER B 263 -36.45 10.04 20.40
C SER B 263 -35.61 11.15 21.04
N SER B 264 -35.70 12.39 20.58
CA SER B 264 -34.86 13.46 21.15
C SER B 264 -35.14 13.68 22.63
N LYS B 265 -36.34 13.33 23.11
CA LYS B 265 -36.73 13.52 24.51
C LYS B 265 -36.10 12.48 25.45
N GLN B 266 -35.93 11.25 24.98
CA GLN B 266 -35.40 10.08 25.66
C GLN B 266 -33.98 9.75 25.22
N PRO B 267 -33.24 8.93 25.96
CA PRO B 267 -31.91 8.53 25.48
C PRO B 267 -32.14 7.46 24.43
N PHE B 268 -31.34 7.51 23.35
CA PHE B 268 -31.52 6.57 22.26
C PHE B 268 -30.22 5.99 21.71
N PHE B 269 -30.34 4.80 21.14
CA PHE B 269 -29.27 4.07 20.49
C PHE B 269 -29.70 3.79 19.06
N LEU B 270 -29.01 4.38 18.09
CA LEU B 270 -29.31 4.18 16.68
C LEU B 270 -28.13 3.49 16.00
N LEU B 271 -28.42 2.37 15.35
CA LEU B 271 -27.43 1.62 14.58
C LEU B 271 -27.74 2.00 13.13
N PHE B 272 -26.93 2.88 12.55
CA PHE B 272 -27.10 3.29 11.15
C PHE B 272 -26.15 2.37 10.40
N SER B 273 -26.69 1.26 9.89
CA SER B 273 -25.93 0.23 9.20
C SER B 273 -26.01 0.45 7.69
N PHE B 274 -24.93 0.96 7.12
CA PHE B 274 -24.81 1.30 5.71
C PHE B 274 -24.79 0.13 4.75
N HIS B 275 -25.22 0.43 3.52
CA HIS B 275 -25.06 -0.52 2.43
C HIS B 275 -23.74 -0.19 1.79
N ASP B 276 -23.44 1.12 1.68
CA ASP B 276 -22.16 1.60 1.18
C ASP B 276 -21.07 0.97 2.05
N ILE B 277 -19.96 0.53 1.44
CA ILE B 277 -19.68 0.64 0.02
C ILE B 277 -19.68 -0.76 -0.63
N HIS B 278 -20.54 -1.60 -0.09
CA HIS B 278 -20.73 -2.97 -0.57
C HIS B 278 -21.23 -2.96 -2.02
N VAL B 279 -21.07 -4.08 -2.72
CA VAL B 279 -21.56 -4.17 -4.08
C VAL B 279 -23.05 -4.47 -3.97
N PRO B 280 -23.87 -4.08 -4.94
CA PRO B 280 -23.45 -3.32 -6.12
C PRO B 280 -23.32 -1.85 -5.69
N ARG B 281 -22.33 -1.12 -6.20
CA ARG B 281 -22.11 0.28 -5.84
C ARG B 281 -22.88 1.15 -6.81
N LEU B 282 -24.02 1.65 -6.35
CA LEU B 282 -24.92 2.47 -7.15
C LEU B 282 -25.20 3.78 -6.43
N PRO B 283 -24.20 4.67 -6.33
CA PRO B 283 -24.41 5.94 -5.63
C PRO B 283 -25.46 6.81 -6.31
N ASN B 284 -25.98 7.74 -5.53
CA ASN B 284 -26.92 8.72 -6.04
C ASN B 284 -26.25 9.59 -7.11
N GLU B 285 -27.07 10.12 -8.01
CA GLU B 285 -26.58 10.95 -9.11
C GLU B 285 -25.73 12.10 -8.63
N MET B 286 -26.11 12.73 -7.53
CA MET B 286 -25.35 13.87 -7.06
C MET B 286 -23.91 13.54 -6.68
N PHE B 287 -23.52 12.26 -6.64
CA PHE B 287 -22.14 11.88 -6.29
C PHE B 287 -21.40 11.23 -7.45
N ARG B 288 -22.05 10.93 -8.56
CA ARG B 288 -21.36 10.30 -9.67
C ARG B 288 -20.37 11.28 -10.28
N GLY B 289 -19.13 10.81 -10.47
CA GLY B 289 -18.08 11.64 -11.03
C GLY B 289 -17.32 12.47 -10.00
N LYS B 290 -17.63 12.35 -8.71
CA LYS B 290 -16.89 13.15 -7.73
C LYS B 290 -15.46 12.66 -7.57
N THR B 291 -15.20 11.38 -7.82
CA THR B 291 -13.88 10.81 -7.73
C THR B 291 -13.46 10.23 -9.09
N ASN B 292 -12.17 9.94 -9.22
CA ASN B 292 -11.64 9.33 -10.44
C ASN B 292 -11.53 7.80 -10.28
N MET B 293 -12.26 7.22 -9.32
CA MET B 293 -12.22 5.79 -9.05
C MET B 293 -13.50 5.06 -9.44
N GLY B 294 -14.49 5.77 -9.96
CA GLY B 294 -15.70 5.10 -10.38
C GLY B 294 -16.69 4.93 -9.25
N ALA B 295 -17.59 3.98 -9.45
CA ALA B 295 -18.67 3.70 -8.52
C ALA B 295 -18.19 3.44 -7.07
N ARG B 296 -17.11 2.67 -6.90
CA ARG B 296 -16.61 2.39 -5.55
C ARG B 296 -16.20 3.69 -4.83
N GLY B 297 -15.43 4.54 -5.51
CA GLY B 297 -14.99 5.79 -4.90
C GLY B 297 -16.14 6.74 -4.63
N ASP B 298 -17.12 6.78 -5.54
CA ASP B 298 -18.28 7.66 -5.39
C ASP B 298 -19.21 7.16 -4.30
N SER B 299 -19.13 5.88 -3.95
CA SER B 299 -19.95 5.42 -2.84
C SER B 299 -19.33 5.89 -1.55
N ILE B 300 -18.02 6.06 -1.53
CA ILE B 300 -17.40 6.59 -0.32
C ILE B 300 -17.85 8.02 -0.12
N VAL B 301 -17.95 8.77 -1.22
CA VAL B 301 -18.42 10.15 -1.14
C VAL B 301 -19.84 10.18 -0.58
N GLN B 302 -20.75 9.40 -1.20
CA GLN B 302 -22.13 9.31 -0.72
C GLN B 302 -22.20 8.87 0.73
N MET B 303 -21.37 7.90 1.09
CA MET B 303 -21.33 7.38 2.45
C MET B 303 -21.01 8.51 3.44
N ASP B 304 -20.03 9.35 3.09
CA ASP B 304 -19.67 10.47 3.95
C ASP B 304 -20.80 11.50 4.03
N TRP B 305 -21.48 11.76 2.90
CA TRP B 305 -22.61 12.69 2.88
C TRP B 305 -23.74 12.19 3.79
N THR B 306 -24.14 10.92 3.62
CA THR B 306 -25.19 10.34 4.45
C THR B 306 -24.83 10.48 5.92
N THR B 307 -23.58 10.20 6.26
CA THR B 307 -23.12 10.36 7.62
C THR B 307 -23.34 11.81 8.06
N GLY B 308 -22.96 12.75 7.20
CA GLY B 308 -23.13 14.16 7.53
C GLY B 308 -24.57 14.53 7.79
N GLN B 309 -25.50 14.03 6.97
CA GLN B 309 -26.92 14.35 7.16
C GLN B 309 -27.39 13.99 8.55
N VAL B 310 -26.89 12.87 9.08
CA VAL B 310 -27.28 12.41 10.41
C VAL B 310 -26.62 13.26 11.49
N VAL B 311 -25.34 13.58 11.33
CA VAL B 311 -24.61 14.38 12.29
C VAL B 311 -25.22 15.78 12.38
N GLU B 312 -25.60 16.36 11.24
CA GLU B 312 -26.18 17.69 11.25
C GLU B 312 -27.55 17.69 11.91
N LYS B 313 -28.28 16.57 11.83
CA LYS B 313 -29.56 16.48 12.52
C LYS B 313 -29.32 16.50 14.03
N LEU B 314 -28.26 15.82 14.49
CA LEU B 314 -27.96 15.84 15.92
C LEU B 314 -27.60 17.24 16.36
N ARG B 315 -26.83 17.97 15.53
CA ARG B 315 -26.44 19.34 15.85
C ARG B 315 -27.67 20.25 15.85
N GLU B 316 -28.46 20.17 14.79
CA GLU B 316 -29.68 20.96 14.68
C GLU B 316 -30.59 20.77 15.89
N LEU B 317 -30.58 19.59 16.49
CA LEU B 317 -31.37 19.28 17.67
C LEU B 317 -30.57 19.45 18.96
N ASN B 318 -29.36 20.04 18.87
CA ASN B 318 -28.48 20.27 20.03
C ASN B 318 -28.18 18.98 20.81
N LEU B 319 -27.96 17.88 20.09
CA LEU B 319 -27.63 16.62 20.74
C LEU B 319 -26.22 16.11 20.42
N LEU B 320 -25.53 16.72 19.45
CA LEU B 320 -24.22 16.23 19.03
C LEU B 320 -23.19 16.16 20.16
N ASP B 321 -23.21 17.13 21.08
CA ASP B 321 -22.21 17.13 22.17
C ASP B 321 -22.52 16.08 23.24
N ASN B 322 -23.80 15.85 23.56
CA ASN B 322 -24.18 14.83 24.53
C ASN B 322 -24.41 13.48 23.86
N THR B 323 -23.88 13.28 22.64
CA THR B 323 -24.07 12.04 21.90
C THR B 323 -22.77 11.29 21.67
N LEU B 324 -22.75 10.01 22.04
CA LEU B 324 -21.58 9.19 21.81
C LEU B 324 -21.71 8.64 20.40
N VAL B 325 -20.92 9.20 19.48
CA VAL B 325 -20.91 8.81 18.08
C VAL B 325 -19.71 7.92 17.84
N ILE B 326 -19.97 6.75 17.30
CA ILE B 326 -18.95 5.77 16.95
C ILE B 326 -19.13 5.50 15.48
N PHE B 327 -18.03 5.61 14.72
CA PHE B 327 -18.00 5.40 13.28
C PHE B 327 -16.99 4.29 13.02
N THR B 328 -17.45 3.15 12.52
CA THR B 328 -16.52 2.07 12.22
C THR B 328 -17.07 1.23 11.07
N SER B 329 -16.36 0.13 10.78
CA SER B 329 -16.66 -0.75 9.65
C SER B 329 -16.81 -2.19 10.08
N ASP B 330 -17.56 -2.97 9.28
CA ASP B 330 -17.80 -4.37 9.59
C ASP B 330 -16.63 -5.29 9.19
N ASN B 331 -15.84 -4.95 8.18
CA ASN B 331 -14.68 -5.76 7.78
C ASN B 331 -13.84 -4.93 6.80
N GLY B 332 -12.72 -5.49 6.35
CA GLY B 332 -11.85 -4.77 5.42
C GLY B 332 -12.42 -4.55 4.01
N ALA B 333 -11.67 -3.78 3.24
CA ALA B 333 -12.04 -3.37 1.88
C ALA B 333 -11.79 -4.45 0.83
N VAL B 334 -12.56 -4.30 -0.25
CA VAL B 334 -12.51 -5.16 -1.42
C VAL B 334 -12.77 -4.26 -2.61
N LEU B 335 -12.11 -4.54 -3.74
CA LEU B 335 -12.32 -3.81 -4.98
C LEU B 335 -13.25 -4.66 -5.86
N THR B 336 -12.73 -5.73 -6.46
CA THR B 336 -13.53 -6.63 -7.31
C THR B 336 -14.28 -7.60 -6.41
N ASP B 337 -15.59 -7.37 -6.23
CA ASP B 337 -16.41 -8.23 -5.39
C ASP B 337 -17.60 -8.85 -6.13
N GLY B 338 -17.64 -8.78 -7.46
CA GLY B 338 -18.74 -9.41 -8.17
C GLY B 338 -19.34 -8.69 -9.35
N TYR B 339 -19.17 -7.37 -9.43
CA TYR B 339 -19.69 -6.57 -10.54
C TYR B 339 -18.56 -5.87 -11.29
N ASP B 340 -18.76 -5.66 -12.58
CA ASP B 340 -17.76 -4.99 -13.42
C ASP B 340 -17.96 -3.49 -13.22
N ASP B 341 -17.44 -2.99 -12.11
CA ASP B 341 -17.62 -1.59 -11.75
C ASP B 341 -16.34 -0.76 -11.79
N GLU B 342 -15.27 -1.26 -12.40
CA GLU B 342 -14.01 -0.55 -12.55
C GLU B 342 -13.26 -0.30 -11.24
N ALA B 343 -13.66 -0.94 -10.14
CA ALA B 343 -12.99 -0.70 -8.86
C ALA B 343 -11.48 -0.90 -8.97
N LEU B 344 -11.04 -1.93 -9.69
CA LEU B 344 -9.61 -2.20 -9.80
C LEU B 344 -8.95 -1.44 -10.94
N LYS B 345 -9.63 -1.28 -12.08
CA LYS B 345 -9.04 -0.58 -13.20
C LYS B 345 -8.76 0.89 -12.91
N ARG B 346 -9.59 1.54 -12.10
CA ARG B 346 -9.39 2.95 -11.80
C ARG B 346 -9.03 3.22 -10.35
N ILE B 347 -8.39 2.27 -9.67
CA ILE B 347 -8.00 2.52 -8.27
C ILE B 347 -6.95 3.62 -8.19
N GLY B 348 -6.14 3.77 -9.23
CA GLY B 348 -5.09 4.77 -9.25
C GLY B 348 -4.13 4.53 -8.10
N THR B 349 -3.79 5.60 -7.39
CA THR B 349 -2.90 5.54 -6.24
C THR B 349 -3.62 5.23 -4.94
N HIS B 350 -4.95 5.10 -4.95
CA HIS B 350 -5.69 4.83 -3.73
C HIS B 350 -5.29 3.52 -3.07
N LYS B 351 -4.99 3.60 -1.77
CA LYS B 351 -4.60 2.44 -0.97
C LYS B 351 -5.74 2.23 0.04
N GLN B 352 -6.81 1.60 -0.44
CA GLN B 352 -8.01 1.32 0.34
C GLN B 352 -7.73 0.69 1.70
N ASN B 353 -6.68 -0.13 1.79
CA ASN B 353 -6.36 -0.83 3.03
C ASN B 353 -5.16 -0.22 3.76
N GLY B 354 -4.73 0.98 3.37
CA GLY B 354 -3.59 1.60 3.98
C GLY B 354 -2.37 0.72 3.72
N PRO B 355 -1.43 0.68 4.65
CA PRO B 355 -0.24 -0.15 4.45
C PRO B 355 -0.46 -1.63 4.73
N TYR B 356 -1.62 -2.02 5.28
CA TYR B 356 -1.88 -3.40 5.70
C TYR B 356 -2.25 -4.36 4.57
N ARG B 357 -1.81 -5.60 4.73
CA ARG B 357 -2.01 -6.63 3.74
C ARG B 357 -3.37 -7.32 3.89
N GLY B 358 -3.86 -7.84 2.78
CA GLY B 358 -5.13 -8.53 2.80
C GLY B 358 -6.29 -7.64 2.48
N GLY B 359 -7.41 -7.89 3.15
CA GLY B 359 -8.62 -7.13 2.93
C GLY B 359 -9.77 -8.02 3.34
N LYS B 360 -10.95 -7.71 2.81
CA LYS B 360 -12.11 -8.54 3.10
C LYS B 360 -11.75 -10.02 2.90
N TYR B 361 -12.32 -10.88 3.77
CA TYR B 361 -12.14 -12.34 3.75
C TYR B 361 -10.75 -12.82 4.18
N SER B 362 -9.79 -11.92 4.41
CA SER B 362 -8.43 -12.30 4.74
C SER B 362 -8.10 -12.32 6.23
N ILE B 363 -7.20 -13.25 6.61
CA ILE B 363 -6.72 -13.32 8.00
C ILE B 363 -5.56 -12.34 8.21
N TYR B 364 -5.08 -11.66 7.17
CA TYR B 364 -4.06 -10.65 7.37
C TYR B 364 -4.75 -9.45 8.05
N GLU B 365 -3.96 -8.49 8.52
CA GLU B 365 -4.51 -7.34 9.24
C GLU B 365 -5.66 -6.64 8.51
N ALA B 366 -5.51 -6.37 7.22
CA ALA B 366 -6.57 -5.63 6.53
C ALA B 366 -7.92 -6.31 6.56
N GLY B 367 -7.99 -7.58 6.96
CA GLY B 367 -9.28 -8.23 7.04
C GLY B 367 -10.12 -7.64 8.17
N THR B 368 -9.47 -7.30 9.28
CA THR B 368 -10.16 -6.75 10.43
C THR B 368 -9.70 -5.38 10.85
N ARG B 369 -8.54 -4.90 10.38
CA ARG B 369 -8.07 -3.59 10.78
C ARG B 369 -8.86 -2.57 9.98
N ILE B 370 -9.70 -1.80 10.68
CA ILE B 370 -10.64 -0.88 10.06
C ILE B 370 -10.66 0.51 10.64
N PRO B 371 -11.31 1.48 9.98
CA PRO B 371 -11.40 2.81 10.58
C PRO B 371 -12.32 2.71 11.78
N PHE B 372 -11.99 3.48 12.80
CA PHE B 372 -12.74 3.47 14.05
C PHE B 372 -12.53 4.83 14.67
N ILE B 373 -13.60 5.61 14.79
CA ILE B 373 -13.57 6.96 15.33
C ILE B 373 -14.61 7.09 16.43
N VAL B 374 -14.26 7.77 17.51
CA VAL B 374 -15.15 8.01 18.64
C VAL B 374 -15.33 9.53 18.76
N HIS B 375 -16.55 10.00 18.58
CA HIS B 375 -16.88 11.44 18.68
C HIS B 375 -17.84 11.65 19.86
N TYR B 376 -17.33 12.25 20.94
CA TYR B 376 -18.13 12.49 22.15
C TYR B 376 -17.60 13.76 22.82
N PRO B 377 -18.01 14.93 22.33
CA PRO B 377 -17.47 16.19 22.88
C PRO B 377 -17.60 16.39 24.38
N ASN B 378 -18.63 15.86 25.04
CA ASN B 378 -18.72 16.10 26.48
C ASN B 378 -17.77 15.25 27.32
N ARG B 379 -17.12 14.24 26.75
CA ARG B 379 -16.21 13.41 27.54
C ARG B 379 -14.98 12.93 26.78
N VAL B 380 -14.80 13.29 25.51
CA VAL B 380 -13.68 12.78 24.73
C VAL B 380 -12.92 13.93 24.11
N LYS B 381 -11.70 14.01 24.40
CA LYS B 381 -10.84 15.04 23.86
C LYS B 381 -10.24 14.54 22.55
N PRO B 382 -9.95 15.42 21.59
CA PRO B 382 -9.37 14.95 20.33
C PRO B 382 -8.04 14.23 20.57
N GLY B 383 -7.83 13.15 19.82
CA GLY B 383 -6.60 12.38 19.95
C GLY B 383 -6.54 11.31 18.88
N VAL B 384 -5.41 10.61 18.85
CA VAL B 384 -5.17 9.51 17.92
C VAL B 384 -4.69 8.37 18.81
N SER B 385 -5.37 7.23 18.77
CA SER B 385 -4.99 6.10 19.62
C SER B 385 -4.47 4.91 18.83
N ASN B 386 -3.32 4.40 19.28
CA ASN B 386 -2.66 3.24 18.70
C ASN B 386 -2.95 1.98 19.49
N SER B 387 -3.90 2.02 20.40
CA SER B 387 -4.18 0.85 21.22
C SER B 387 -4.89 -0.25 20.45
N LEU B 388 -4.49 -1.49 20.72
CA LEU B 388 -5.11 -2.67 20.14
C LEU B 388 -6.54 -2.69 20.68
N PHE B 389 -7.51 -2.34 19.85
CA PHE B 389 -8.90 -2.23 20.27
C PHE B 389 -9.81 -3.12 19.45
N SER B 390 -10.80 -3.71 20.12
CA SER B 390 -11.73 -4.61 19.47
C SER B 390 -13.16 -4.08 19.55
N GLN B 391 -13.91 -4.27 18.46
CA GLN B 391 -15.32 -3.87 18.44
C GLN B 391 -16.12 -4.68 19.45
N ILE B 392 -15.65 -5.91 19.72
CA ILE B 392 -16.32 -6.80 20.65
C ILE B 392 -16.49 -6.13 22.01
N ASP B 393 -15.49 -5.36 22.42
CA ASP B 393 -15.49 -4.69 23.71
C ASP B 393 -16.54 -3.58 23.83
N LEU B 394 -17.19 -3.18 22.74
CA LEU B 394 -18.18 -2.10 22.83
C LEU B 394 -19.31 -2.46 23.79
N TYR B 395 -19.74 -3.71 23.79
CA TYR B 395 -20.80 -4.14 24.70
C TYR B 395 -20.42 -3.89 26.16
N ALA B 396 -19.29 -4.44 26.59
CA ALA B 396 -18.88 -4.30 27.98
C ALA B 396 -18.41 -2.89 28.31
N SER B 397 -17.88 -2.14 27.34
CA SER B 397 -17.44 -0.79 27.68
C SER B 397 -18.64 0.13 27.86
N ILE B 398 -19.69 -0.05 27.04
CA ILE B 398 -20.90 0.77 27.16
C ILE B 398 -21.62 0.41 28.45
N ALA B 399 -21.57 -0.88 28.82
CA ALA B 399 -22.19 -1.30 30.07
C ALA B 399 -21.52 -0.56 31.22
N GLU B 400 -20.20 -0.43 31.16
CA GLU B 400 -19.46 0.28 32.18
C GLU B 400 -19.81 1.77 32.17
N LEU B 401 -20.04 2.34 30.98
CA LEU B 401 -20.40 3.75 30.92
C LEU B 401 -21.70 3.99 31.66
N LEU B 402 -22.65 3.07 31.55
CA LEU B 402 -23.96 3.15 32.17
C LEU B 402 -24.06 2.38 33.48
N GLY B 403 -22.95 1.82 33.97
CA GLY B 403 -22.99 1.07 35.20
C GLY B 403 -23.99 -0.07 35.20
N VAL B 404 -24.03 -0.86 34.11
CA VAL B 404 -24.93 -1.99 34.00
C VAL B 404 -24.14 -3.25 34.34
N PRO B 405 -24.33 -3.84 35.52
CA PRO B 405 -23.59 -5.06 35.85
C PRO B 405 -23.89 -6.16 34.83
N LEU B 406 -22.83 -6.85 34.42
CA LEU B 406 -22.95 -7.93 33.43
C LEU B 406 -22.87 -9.31 34.07
N GLU B 407 -23.72 -10.22 33.62
CA GLU B 407 -23.69 -11.58 34.13
C GLU B 407 -22.45 -12.30 33.60
N GLU B 408 -22.01 -13.32 34.33
CA GLU B 408 -20.80 -14.06 33.97
C GLU B 408 -20.91 -14.83 32.66
N THR B 409 -22.12 -15.05 32.15
CA THR B 409 -22.29 -15.76 30.90
C THR B 409 -22.73 -14.84 29.77
N GLU B 410 -22.64 -13.53 29.96
CA GLU B 410 -23.08 -12.51 29.01
C GLU B 410 -21.88 -11.76 28.42
N ALA B 411 -21.83 -11.65 27.09
CA ALA B 411 -20.76 -10.96 26.37
C ALA B 411 -19.39 -11.44 26.86
N ILE B 412 -19.25 -12.77 26.95
CA ILE B 412 -18.07 -13.44 27.50
C ILE B 412 -16.76 -13.05 26.84
N ASP B 413 -16.82 -12.36 25.70
CA ASP B 413 -15.60 -11.92 25.05
C ASP B 413 -15.46 -10.41 25.11
N SER B 414 -16.53 -9.73 25.46
CA SER B 414 -16.54 -8.27 25.55
C SER B 414 -15.87 -7.82 26.84
N GLN B 415 -14.76 -7.13 26.71
CA GLN B 415 -13.99 -6.59 27.82
C GLN B 415 -14.34 -5.12 28.04
N ASN B 416 -14.23 -4.68 29.29
CA ASN B 416 -14.49 -3.30 29.65
C ASN B 416 -13.28 -2.46 29.25
N GLN B 417 -13.39 -1.68 28.17
CA GLN B 417 -12.29 -0.83 27.72
C GLN B 417 -12.75 0.60 27.54
N LEU B 418 -13.55 1.10 28.47
CA LEU B 418 -14.06 2.45 28.40
C LEU B 418 -12.95 3.48 28.55
N SER B 419 -11.95 3.18 29.39
CA SER B 419 -10.85 4.13 29.55
C SER B 419 -10.16 4.38 28.21
N PRO B 420 -9.75 3.37 27.42
CA PRO B 420 -9.14 3.69 26.12
C PRO B 420 -10.15 4.13 25.08
N LEU B 421 -11.43 3.78 25.25
CA LEU B 421 -12.42 4.23 24.27
C LEU B 421 -12.59 5.76 24.32
N PHE B 422 -12.39 6.36 25.49
CA PHE B 422 -12.56 7.79 25.67
C PHE B 422 -11.24 8.55 25.79
N ASP B 423 -10.11 7.88 25.95
CA ASP B 423 -8.84 8.60 26.11
C ASP B 423 -7.78 7.93 25.25
N ALA B 424 -7.37 8.63 24.19
CA ALA B 424 -6.41 8.09 23.25
C ALA B 424 -5.10 7.64 23.89
N SER B 425 -4.78 8.16 25.08
CA SER B 425 -3.52 7.84 25.75
C SER B 425 -3.55 6.56 26.55
N LYS B 426 -4.72 5.99 26.80
CA LYS B 426 -4.77 4.77 27.58
C LYS B 426 -4.65 3.55 26.68
N LEU B 427 -4.04 2.50 27.22
CA LEU B 427 -3.92 1.26 26.47
C LEU B 427 -5.26 0.54 26.54
N ALA B 428 -5.38 -0.52 25.72
CA ALA B 428 -6.61 -1.29 25.69
C ALA B 428 -6.30 -2.77 25.79
N ARG B 429 -6.23 -3.45 24.67
CA ARG B 429 -5.98 -4.88 24.69
C ARG B 429 -4.53 -5.21 24.42
N LYS B 430 -4.12 -6.35 24.96
CA LYS B 430 -2.82 -6.95 24.76
C LYS B 430 -2.96 -8.13 23.82
N THR B 431 -4.09 -8.83 23.91
CA THR B 431 -4.41 -10.00 23.09
C THR B 431 -5.77 -9.84 22.42
N LEU B 432 -5.85 -10.21 21.14
CA LEU B 432 -7.09 -10.15 20.41
C LEU B 432 -7.07 -11.25 19.35
N VAL B 433 -8.15 -12.04 19.28
CA VAL B 433 -8.28 -13.12 18.31
C VAL B 433 -9.01 -12.56 17.09
N GLN B 434 -8.52 -12.92 15.90
CA GLN B 434 -9.04 -12.47 14.61
C GLN B 434 -9.71 -13.64 13.88
N GLU B 435 -10.88 -13.43 13.28
CA GLU B 435 -11.58 -14.54 12.62
C GLU B 435 -11.82 -14.38 11.12
N THR B 436 -11.84 -15.53 10.45
CA THR B 436 -12.16 -15.77 9.04
C THR B 436 -12.58 -17.23 8.98
N PRO B 437 -13.40 -17.61 8.00
CA PRO B 437 -13.83 -19.03 7.94
C PRO B 437 -12.69 -20.04 7.75
N HIS B 438 -11.64 -19.70 7.04
CA HIS B 438 -10.55 -20.65 6.84
C HIS B 438 -9.48 -20.62 7.91
N ALA B 439 -9.35 -19.53 8.67
CA ALA B 439 -8.29 -19.56 9.67
C ALA B 439 -8.55 -18.53 10.75
N LYS B 440 -8.04 -18.83 11.93
CA LYS B 440 -8.12 -17.94 13.07
C LYS B 440 -6.73 -17.41 13.30
N GLY B 441 -6.66 -16.18 13.84
CA GLY B 441 -5.40 -15.55 14.13
C GLY B 441 -5.45 -14.92 15.51
N LEU B 442 -4.30 -14.51 15.99
CA LEU B 442 -4.22 -13.89 17.29
C LEU B 442 -3.22 -12.75 17.25
N ARG B 443 -3.55 -11.69 17.96
CA ARG B 443 -2.67 -10.54 18.08
C ARG B 443 -2.27 -10.46 19.54
N GLU B 444 -0.98 -10.32 19.80
CA GLU B 444 -0.42 -10.16 21.14
C GLU B 444 0.53 -8.99 21.00
N ASN B 445 0.04 -7.82 21.37
CA ASN B 445 0.79 -6.58 21.18
C ASN B 445 1.00 -6.51 19.68
N SER B 446 2.22 -6.33 19.17
CA SER B 446 2.47 -6.22 17.74
C SER B 446 2.74 -7.54 17.06
N TRP B 447 2.74 -8.64 17.81
CA TRP B 447 2.94 -9.94 17.22
C TRP B 447 1.62 -10.42 16.66
N LYS B 448 1.65 -10.95 15.45
CA LYS B 448 0.46 -11.48 14.78
C LYS B 448 0.77 -12.93 14.44
N TYR B 449 -0.12 -13.83 14.85
CA TYR B 449 0.03 -15.26 14.60
C TYR B 449 -1.16 -15.77 13.82
N ILE B 450 -0.92 -16.55 12.77
CA ILE B 450 -1.96 -17.13 11.93
C ILE B 450 -1.86 -18.65 12.02
N ARG B 451 -2.84 -19.26 12.69
CA ARG B 451 -2.88 -20.71 12.82
C ARG B 451 -2.91 -21.35 11.43
N PRO B 452 -2.18 -22.45 11.20
CA PRO B 452 -2.18 -23.08 9.87
C PRO B 452 -3.53 -23.69 9.53
N THR B 453 -3.67 -24.07 8.28
CA THR B 453 -4.92 -24.67 7.85
C THR B 453 -4.69 -25.42 6.55
N GLU B 454 -5.41 -26.51 6.40
CA GLU B 454 -5.29 -27.26 5.15
C GLU B 454 -6.30 -26.75 4.12
N LYS B 455 -7.26 -25.92 4.54
CA LYS B 455 -8.30 -25.40 3.66
C LYS B 455 -7.71 -24.62 2.49
N ASP B 456 -8.36 -24.73 1.37
CA ASP B 456 -7.92 -24.09 0.13
C ASP B 456 -9.00 -23.12 -0.33
N VAL B 457 -8.77 -21.81 -0.16
CA VAL B 457 -9.75 -20.84 -0.61
C VAL B 457 -9.12 -20.07 -1.79
N ALA B 458 -9.21 -20.68 -2.98
CA ALA B 458 -8.64 -20.10 -4.19
C ALA B 458 -9.47 -18.95 -4.73
N TRP B 459 -10.77 -18.95 -4.44
CA TRP B 459 -11.63 -17.87 -4.94
C TRP B 459 -11.23 -16.51 -4.37
N VAL B 460 -10.62 -16.48 -3.18
CA VAL B 460 -10.23 -15.19 -2.62
C VAL B 460 -9.17 -14.54 -3.51
N LYS B 461 -8.18 -15.30 -3.96
CA LYS B 461 -7.19 -14.69 -4.84
C LYS B 461 -7.72 -14.54 -6.25
N ALA B 462 -8.36 -15.60 -6.75
CA ALA B 462 -8.86 -15.60 -8.13
C ALA B 462 -9.90 -14.51 -8.37
N LYS B 463 -11.00 -14.52 -7.62
CA LYS B 463 -12.07 -13.56 -7.85
C LYS B 463 -12.01 -12.31 -6.99
N LYS B 464 -11.51 -12.36 -5.76
CA LYS B 464 -11.52 -11.16 -4.94
C LYS B 464 -10.24 -10.31 -4.99
N ASN B 465 -9.17 -10.80 -5.62
CA ASN B 465 -7.90 -10.06 -5.70
C ASN B 465 -7.34 -9.70 -4.33
N ILE B 466 -7.57 -10.60 -3.37
CA ILE B 466 -7.14 -10.46 -1.99
C ILE B 466 -6.44 -11.75 -1.56
N ASP B 467 -5.39 -11.63 -0.75
CA ASP B 467 -4.68 -12.81 -0.24
C ASP B 467 -5.39 -13.31 1.01
N PRO B 468 -5.98 -14.51 1.01
CA PRO B 468 -6.71 -14.99 2.20
C PRO B 468 -5.86 -15.29 3.42
N GLY B 469 -4.52 -15.28 3.32
CA GLY B 469 -3.72 -15.53 4.49
C GLY B 469 -3.61 -16.97 4.91
N THR B 470 -4.11 -17.91 4.10
CA THR B 470 -4.01 -19.31 4.45
C THR B 470 -2.60 -19.79 4.17
N SER B 471 -2.17 -20.79 4.94
CA SER B 471 -0.86 -21.44 4.80
C SER B 471 -0.90 -22.79 5.50
N LYS B 472 -0.31 -23.80 4.88
CA LYS B 472 -0.27 -25.10 5.52
C LYS B 472 0.59 -25.07 6.77
N ALA B 473 1.52 -24.12 6.85
CA ALA B 473 2.46 -23.92 7.93
C ALA B 473 2.07 -22.72 8.79
N PRO B 474 2.52 -22.66 10.04
CA PRO B 474 2.19 -21.52 10.88
C PRO B 474 2.85 -20.25 10.36
N GLN B 475 2.24 -19.13 10.67
CA GLN B 475 2.76 -17.82 10.31
C GLN B 475 2.86 -16.96 11.56
N LEU B 476 3.89 -16.12 11.62
CA LEU B 476 4.12 -15.24 12.75
C LEU B 476 4.74 -13.96 12.21
N PHE B 477 4.23 -12.82 12.63
CA PHE B 477 4.81 -11.57 12.15
C PHE B 477 5.00 -10.56 13.29
N ASP B 478 5.98 -9.70 13.07
CA ASP B 478 6.31 -8.57 13.94
C ASP B 478 5.75 -7.38 13.16
N LEU B 479 4.57 -6.90 13.55
CA LEU B 479 3.99 -5.79 12.79
C LEU B 479 4.77 -4.49 12.93
N ASP B 480 5.63 -4.36 13.96
CA ASP B 480 6.39 -3.11 14.11
C ASP B 480 7.41 -2.93 13.00
N THR B 481 8.04 -4.02 12.59
CA THR B 481 9.06 -4.01 11.55
C THR B 481 8.56 -4.51 10.21
N ASP B 482 7.47 -5.28 10.23
CA ASP B 482 6.87 -5.90 9.05
C ASP B 482 5.38 -5.61 9.06
N PRO B 483 4.99 -4.32 8.86
CA PRO B 483 3.55 -3.98 8.93
C PRO B 483 2.69 -4.66 7.90
N SER B 484 3.23 -5.06 6.75
CA SER B 484 2.38 -5.73 5.78
C SER B 484 2.54 -7.25 5.81
N GLU B 485 3.00 -7.81 6.92
CA GLU B 485 3.12 -9.25 7.14
C GLU B 485 3.79 -9.98 5.95
N LEU B 486 4.98 -9.52 5.61
CA LEU B 486 5.72 -10.08 4.51
C LEU B 486 6.82 -11.06 4.91
N HIS B 487 7.28 -11.03 6.17
CA HIS B 487 8.37 -11.86 6.66
C HIS B 487 7.89 -12.81 7.75
N ASN B 488 7.65 -14.07 7.39
CA ASN B 488 7.18 -15.07 8.35
C ASN B 488 8.31 -15.44 9.31
N LEU B 489 8.10 -15.20 10.60
CA LEU B 489 9.07 -15.49 11.64
C LEU B 489 8.78 -16.76 12.44
N ALA B 490 7.79 -17.56 12.03
CA ALA B 490 7.42 -18.77 12.76
C ALA B 490 8.61 -19.69 13.03
N ALA B 491 9.53 -19.81 12.08
CA ALA B 491 10.70 -20.68 12.25
C ALA B 491 11.74 -20.12 13.20
N LYS B 492 11.95 -18.80 13.23
CA LYS B 492 12.94 -18.21 14.13
C LYS B 492 12.44 -18.09 15.56
N TYR B 493 11.14 -18.23 15.79
CA TYR B 493 10.57 -18.16 17.14
C TYR B 493 9.54 -19.24 17.31
N PRO B 494 9.97 -20.51 17.32
CA PRO B 494 9.01 -21.61 17.53
C PRO B 494 8.32 -21.57 18.87
N ASP B 495 8.97 -21.05 19.92
CA ASP B 495 8.31 -20.98 21.22
C ASP B 495 7.24 -19.90 21.23
N LYS B 496 7.50 -18.77 20.53
CA LYS B 496 6.49 -17.71 20.45
C LYS B 496 5.24 -18.22 19.75
N VAL B 497 5.42 -19.01 18.68
CA VAL B 497 4.29 -19.60 17.98
C VAL B 497 3.48 -20.46 18.96
N LYS B 498 4.16 -21.42 19.59
CA LYS B 498 3.51 -22.32 20.55
C LYS B 498 2.72 -21.53 21.58
N LEU B 499 3.35 -20.53 22.19
CA LEU B 499 2.66 -19.72 23.19
C LEU B 499 1.47 -18.97 22.57
N LEU B 500 1.61 -18.47 21.35
CA LEU B 500 0.48 -17.75 20.74
C LEU B 500 -0.62 -18.73 20.35
N GLU B 501 -0.23 -19.93 19.88
CA GLU B 501 -1.24 -20.93 19.54
C GLU B 501 -1.95 -21.40 20.80
N GLN B 502 -1.21 -21.47 21.91
CA GLN B 502 -1.80 -21.87 23.17
C GLN B 502 -2.82 -20.83 23.64
N LYS B 503 -2.43 -19.55 23.60
CA LYS B 503 -3.37 -18.49 23.99
C LYS B 503 -4.66 -18.53 23.17
N LEU B 504 -4.56 -18.92 21.89
CA LEU B 504 -5.74 -18.99 21.04
C LEU B 504 -6.67 -20.10 21.51
N GLN B 505 -6.12 -21.23 21.94
CA GLN B 505 -6.96 -22.32 22.41
C GLN B 505 -7.71 -21.92 23.66
N ASP B 506 -7.05 -21.19 24.56
CA ASP B 506 -7.71 -20.77 25.79
C ASP B 506 -8.94 -19.91 25.48
N ILE B 507 -8.81 -18.95 24.55
CA ILE B 507 -9.96 -18.11 24.22
C ILE B 507 -11.04 -18.94 23.53
N GLU B 508 -10.67 -19.99 22.79
CA GLU B 508 -11.69 -20.84 22.18
C GLU B 508 -12.44 -21.65 23.25
N LEU B 509 -11.74 -22.07 24.32
CA LEU B 509 -12.37 -22.85 25.39
C LEU B 509 -13.09 -21.98 26.42
N GLN B 510 -12.71 -20.72 26.56
CA GLN B 510 -13.36 -19.85 27.53
C GLN B 510 -14.87 -19.84 27.30
N SER B 511 -15.62 -19.94 28.41
CA SER B 511 -17.08 -19.96 28.35
C SER B 511 -17.70 -18.93 29.29
N ILE B 512 -16.92 -18.28 30.14
CA ILE B 512 -17.42 -17.27 31.04
C ILE B 512 -16.57 -16.03 30.85
N ARG B 513 -17.01 -14.93 31.47
CA ARG B 513 -16.27 -13.71 31.35
C ARG B 513 -14.90 -13.88 32.01
N LEU B 514 -13.95 -13.05 31.58
CA LEU B 514 -12.60 -13.11 32.12
C LEU B 514 -12.44 -12.13 33.29
N LYS B 515 -11.32 -12.26 34.00
CA LYS B 515 -10.95 -11.39 35.13
C LYS B 515 -11.98 -11.43 36.26
O4 A1APD C . -18.19 -18.27 -3.00
O50 A1APD C . -16.93 -20.11 0.94
S6 A1APD C . -16.56 -21.50 0.46
O51 A1APD C . -15.04 -21.62 0.44
O52 A1APD C . -16.90 -22.55 1.51
O6 A1APD C . -17.30 -21.88 -1.03
C6 A1APD C . -18.01 -20.87 -1.69
C5 A1APD C . -17.42 -20.68 -3.08
O5 A1APD C . -18.35 -21.26 -4.07
C1 A1APD C . -18.06 -20.87 -5.51
O1 A1APD C . -16.90 -21.51 -5.90
C2 A1APD C . -17.89 -19.36 -5.62
O2 A1APD C . -17.64 -18.89 -6.97
S2 A1APD C . -18.91 -18.68 -8.07
O54 A1APD C . -18.51 -19.23 -9.42
O55 A1APD C . -19.16 -17.22 -8.44
O53 A1APD C . -20.16 -19.39 -7.57
C3 A1APD C . -16.76 -18.96 -4.74
O3 A1APD C . -16.51 -17.55 -4.86
C4 A1APD C . -17.09 -19.20 -3.31
O7 A1APB C . -16.78 -15.67 -5.55
O8 A1APB C . -18.66 -14.33 -5.88
O9 A1APB C . -19.05 -16.74 -5.37
C1 A1APB C . -17.89 -17.30 -2.01
C2 A1APB C . -18.56 -15.93 -2.31
C3 A1APB C . -18.39 -15.02 -1.14
C4 A1APB C . -18.92 -15.59 0.14
C5 A1APB C . -18.12 -16.86 0.47
C6 A1APB C . -18.58 -17.48 1.76
O2 A1APB C . -17.96 -15.19 -3.41
O3 A1APB C . -18.82 -13.60 -1.46
O4 A1APB C . -20.31 -15.98 0.06
O5 A1APB C . -18.28 -17.84 -0.68
O6 A1APB C . -17.59 -17.43 2.78
S1 A1APB C . -18.19 -15.53 -5.04
O1S A1APC C . -19.56 -8.11 3.24
O2S A1APC C . -19.96 -10.17 3.99
O3S A1APC C . -21.98 -8.84 3.32
C1 A1APC C . -20.21 -13.34 -1.65
C2 A1APC C . -20.37 -12.28 -2.75
C3 A1APC C . -19.83 -10.93 -2.37
C4 A1APC C . -20.34 -10.48 -1.09
C5 A1APC C . -20.03 -11.53 -0.05
C6 A1APC C . -20.50 -11.10 1.30
O2 A1APC C . -19.70 -12.73 -3.91
O3 A1APC C . -20.28 -9.95 -3.38
O4 A1APC C . -21.78 -10.33 -1.24
O5 A1APC C . -20.71 -12.82 -0.40
O6 A1APC C . -20.45 -9.71 1.43
S1 A1APC C . -20.55 -9.19 3.00
C1 G6S D . 12.32 14.25 -14.43
C2 G6S D . 11.81 13.66 -15.75
C3 G6S D . 11.72 12.13 -15.59
C4 G6S D . 13.08 11.55 -15.24
C5 G6S D . 13.74 12.41 -14.14
C6 G6S D . 15.17 11.94 -13.84
O1 G6S D . 12.14 15.68 -14.26
O2 G6S D . 10.55 14.18 -16.15
O4 G6S D . 13.91 11.46 -16.41
O5 G6S D . 13.68 13.84 -14.41
O6 G6S D . 15.09 10.59 -13.41
S G6S D . 16.27 9.90 -12.69
O7 G6S D . 16.70 10.65 -11.54
O8 G6S D . 15.76 8.65 -12.31
O9 G6S D . 17.50 9.65 -13.67
O3 G6S D . 11.22 11.54 -16.78
CA CA E . 16.33 6.67 -10.89
S SO4 F . 15.28 18.24 -9.64
O1 SO4 F . 15.46 19.62 -9.18
O2 SO4 F . 16.45 17.45 -9.24
O3 SO4 F . 14.05 17.69 -9.04
O4 SO4 F . 15.14 18.21 -11.10
CL CL G . 32.96 6.95 -41.80
CL CL H . 0.37 17.65 9.10
O1S A1APC I . -16.86 -16.59 4.42
O2S A1APC I . -17.21 -18.80 3.77
O3S A1APC I . -19.15 -17.51 4.70
C1 A1APC I . -18.77 -17.33 -2.44
C2 A1APC I . -18.66 -15.80 -2.45
C3 A1APC I . -17.95 -15.21 -1.29
C4 A1APC I . -18.40 -15.77 -0.01
C5 A1APC I . -18.30 -17.29 -0.01
C6 A1APC I . -18.74 -17.81 1.34
O2 A1APC I . -17.93 -15.38 -3.59
O3 A1APC I . -18.22 -13.77 -1.33
O4 A1APC I . -19.78 -15.37 0.22
O5 A1APC I . -19.10 -17.89 -1.12
O6 A1APC I . -18.30 -16.90 2.32
S1 A1APC I . -17.91 -17.47 3.83
O1 A1APC I . -17.54 -17.87 -2.93
CA CA J . -18.90 -5.92 4.63
C1 EDO K . -35.58 17.63 7.78
O1 EDO K . -35.21 17.05 9.04
C2 EDO K . -34.59 17.14 6.74
O2 EDO K . -33.28 17.59 7.13
C1 EDO L . 5.19 -18.03 4.75
O1 EDO L . 4.83 -19.39 5.05
C2 EDO L . 6.16 -17.98 3.58
O2 EDO L . 7.48 -17.96 4.11
CL CL M . -9.94 8.75 -14.29
#